data_2VXA
#
_entry.id   2VXA
#
_cell.length_a   85.760
_cell.length_b   100.510
_cell.length_c   100.470
_cell.angle_alpha   90.00
_cell.angle_beta   90.00
_cell.angle_gamma   90.00
#
_symmetry.space_group_name_H-M   'P 21 21 21'
#
loop_
_entity.id
_entity.type
_entity.pdbx_description
1 polymer DODECIN
2 non-polymer RIBOFLAVIN
3 non-polymer 'CHLORIDE ION'
#
_entity_poly.entity_id   1
_entity_poly.type   'polypeptide(L)'
_entity_poly.pdbx_seq_one_letter_code
;MSDHVYKIVELTGSSPNGIEEAVNNAIARAGETLRHLRWFEVVDTRGHIEGGRVNHWQVTVKVGFTLEGGLE
;
_entity_poly.pdbx_strand_id   A,B,C,D,E,F,G,H,I,J,K,L
#
# COMPACT_ATOMS: atom_id res chain seq x y z
N ASP A 3 -22.60 18.57 10.59
CA ASP A 3 -23.64 17.49 10.55
C ASP A 3 -23.12 16.07 10.93
N HIS A 4 -23.76 14.99 10.43
CA HIS A 4 -23.57 13.56 10.84
C HIS A 4 -22.18 12.92 11.17
N VAL A 5 -22.19 11.88 11.99
CA VAL A 5 -20.96 11.16 12.31
C VAL A 5 -21.19 9.66 12.17
N TYR A 6 -20.23 8.97 11.56
CA TYR A 6 -20.33 7.52 11.34
C TYR A 6 -19.23 6.73 12.05
N LYS A 7 -19.56 5.52 12.48
CA LYS A 7 -18.55 4.62 13.02
C LYS A 7 -18.30 3.52 12.00
N ILE A 8 -17.07 3.09 11.88
CA ILE A 8 -16.75 1.99 10.98
C ILE A 8 -16.21 0.87 11.84
N VAL A 9 -16.89 -0.25 11.85
CA VAL A 9 -16.34 -1.44 12.51
C VAL A 9 -15.89 -2.49 11.48
N GLU A 10 -14.92 -3.27 11.89
CA GLU A 10 -14.33 -4.30 11.05
C GLU A 10 -14.80 -5.65 11.56
N LEU A 11 -15.49 -6.39 10.70
CA LEU A 11 -16.00 -7.70 11.02
C LEU A 11 -15.62 -8.65 9.94
N THR A 12 -15.44 -9.90 10.29
CA THR A 12 -15.20 -10.89 9.26
C THR A 12 -16.25 -11.98 9.33
N GLY A 13 -17.03 -12.10 8.27
CA GLY A 13 -18.10 -13.05 8.19
C GLY A 13 -17.61 -14.36 7.60
N SER A 14 -18.25 -15.45 8.01
CA SER A 14 -17.85 -16.81 7.61
C SER A 14 -19.01 -17.46 6.86
N SER A 15 -18.68 -18.34 5.92
CA SER A 15 -19.69 -19.18 5.25
C SER A 15 -19.02 -20.34 4.54
N PRO A 16 -19.60 -21.54 4.64
CA PRO A 16 -19.08 -22.66 3.82
C PRO A 16 -19.45 -22.53 2.32
N ASN A 17 -20.27 -21.54 1.96
CA ASN A 17 -20.79 -21.43 0.60
C ASN A 17 -20.11 -20.45 -0.33
N GLY A 18 -19.52 -19.37 0.21
CA GLY A 18 -18.86 -18.38 -0.62
C GLY A 18 -18.90 -16.94 -0.16
N ILE A 19 -18.50 -16.04 -1.05
CA ILE A 19 -18.16 -14.68 -0.67
C ILE A 19 -19.39 -13.87 -0.29
N GLU A 20 -20.39 -13.82 -1.16
CA GLU A 20 -21.57 -13.03 -0.84
C GLU A 20 -22.28 -13.49 0.46
N GLU A 21 -22.28 -14.80 0.70
CA GLU A 21 -22.96 -15.36 1.84
C GLU A 21 -22.19 -14.94 3.10
N ALA A 22 -20.86 -15.04 3.02
CA ALA A 22 -20.00 -14.62 4.14
C ALA A 22 -20.24 -13.16 4.52
N VAL A 23 -20.33 -12.25 3.55
CA VAL A 23 -20.55 -10.86 3.94
C VAL A 23 -21.95 -10.61 4.46
N ASN A 24 -22.92 -11.24 3.84
CA ASN A 24 -24.29 -11.19 4.37
C ASN A 24 -24.41 -11.64 5.82
N ASN A 25 -23.77 -12.75 6.16
CA ASN A 25 -23.72 -13.15 7.56
C ASN A 25 -23.17 -12.08 8.49
N ALA A 26 -22.07 -11.44 8.07
CA ALA A 26 -21.42 -10.43 8.84
C ALA A 26 -22.39 -9.27 9.01
N ILE A 27 -23.11 -8.96 7.95
CA ILE A 27 -23.99 -7.80 7.98
C ILE A 27 -25.23 -8.08 8.79
N ALA A 28 -25.74 -9.30 8.69
CA ALA A 28 -26.82 -9.75 9.54
C ALA A 28 -26.42 -9.58 11.01
N ARG A 29 -25.31 -10.21 11.43
CA ARG A 29 -24.90 -10.12 12.84
C ARG A 29 -24.65 -8.69 13.34
N ALA A 30 -24.26 -7.80 12.44
CA ALA A 30 -24.07 -6.39 12.80
C ALA A 30 -25.41 -5.70 13.00
N GLY A 31 -26.38 -6.07 12.16
CA GLY A 31 -27.73 -5.48 12.19
C GLY A 31 -28.52 -5.82 13.45
N GLU A 32 -28.26 -7.00 14.02
CA GLU A 32 -28.83 -7.40 15.31
C GLU A 32 -28.43 -6.44 16.42
N THR A 33 -27.17 -6.05 16.45
CA THR A 33 -26.63 -5.27 17.55
C THR A 33 -26.49 -3.77 17.28
N LEU A 34 -26.22 -3.40 16.02
CA LEU A 34 -26.04 -1.98 15.64
C LEU A 34 -27.23 -1.49 14.86
N ARG A 35 -27.27 -0.18 14.62
CA ARG A 35 -28.43 0.45 14.01
C ARG A 35 -27.99 1.48 12.98
N HIS A 36 -28.77 1.64 11.92
CA HIS A 36 -28.46 2.58 10.83
C HIS A 36 -27.20 2.19 10.04
N LEU A 37 -27.13 0.92 9.64
CA LEU A 37 -26.10 0.43 8.76
C LEU A 37 -26.25 1.10 7.40
N ARG A 38 -25.22 1.81 6.93
CA ARG A 38 -25.28 2.55 5.67
C ARG A 38 -24.47 1.93 4.50
N TRP A 39 -23.19 1.66 4.69
CA TRP A 39 -22.39 1.06 3.62
C TRP A 39 -21.37 0.10 4.17
N PHE A 40 -20.74 -0.65 3.27
CA PHE A 40 -19.66 -1.52 3.66
C PHE A 40 -18.60 -1.54 2.58
N GLU A 41 -17.43 -2.07 2.93
CA GLU A 41 -16.33 -2.23 2.02
C GLU A 41 -15.61 -3.51 2.36
N VAL A 42 -15.31 -4.32 1.34
CA VAL A 42 -14.59 -5.57 1.56
C VAL A 42 -13.11 -5.25 1.72
N VAL A 43 -12.50 -5.68 2.80
CA VAL A 43 -11.11 -5.38 2.93
C VAL A 43 -10.26 -6.53 2.44
N ASP A 44 -10.79 -7.75 2.46
CA ASP A 44 -9.92 -8.92 2.48
C ASP A 44 -10.73 -10.24 2.35
N THR A 45 -10.25 -11.17 1.54
CA THR A 45 -10.94 -12.46 1.40
C THR A 45 -9.95 -13.57 1.70
N ARG A 46 -10.27 -14.40 2.69
CA ARG A 46 -9.40 -15.50 3.12
C ARG A 46 -10.25 -16.81 3.24
N GLY A 47 -9.62 -17.88 3.65
CA GLY A 47 -10.39 -19.08 3.91
C GLY A 47 -9.59 -20.20 4.55
N HIS A 48 -10.33 -21.18 5.08
CA HIS A 48 -9.75 -22.38 5.69
C HIS A 48 -9.86 -23.54 4.69
N ILE A 49 -8.78 -24.33 4.62
CA ILE A 49 -8.74 -25.48 3.71
C ILE A 49 -8.76 -26.81 4.53
N GLU A 50 -9.76 -27.64 4.24
CA GLU A 50 -9.97 -28.92 4.95
C GLU A 50 -10.08 -30.06 3.93
N GLY A 51 -9.30 -31.11 4.18
CA GLY A 51 -8.97 -32.02 3.09
C GLY A 51 -8.20 -31.14 2.12
N GLY A 52 -8.56 -31.21 0.84
CA GLY A 52 -7.91 -30.36 -0.17
C GLY A 52 -8.96 -29.43 -0.73
N ARG A 53 -9.90 -29.03 0.13
CA ARG A 53 -11.01 -28.15 -0.27
C ARG A 53 -11.32 -27.01 0.73
N VAL A 54 -11.86 -25.92 0.21
CA VAL A 54 -12.26 -24.80 1.04
C VAL A 54 -13.48 -25.19 1.88
N ASN A 55 -13.35 -25.17 3.21
CA ASN A 55 -14.50 -25.38 4.06
C ASN A 55 -15.09 -24.13 4.74
N HIS A 56 -14.32 -23.06 4.80
CA HIS A 56 -14.86 -21.76 5.26
C HIS A 56 -14.34 -20.60 4.41
N TRP A 57 -15.26 -19.82 3.85
CA TRP A 57 -14.90 -18.54 3.24
C TRP A 57 -14.93 -17.44 4.29
N GLN A 58 -13.83 -16.70 4.40
CA GLN A 58 -13.72 -15.69 5.43
C GLN A 58 -13.53 -14.30 4.78
N VAL A 59 -14.58 -13.50 4.76
CA VAL A 59 -14.49 -12.20 4.13
C VAL A 59 -14.51 -11.15 5.22
N THR A 60 -13.43 -10.39 5.34
CA THR A 60 -13.44 -9.32 6.31
C THR A 60 -13.88 -8.02 5.66
N VAL A 61 -14.66 -7.25 6.38
CA VAL A 61 -15.46 -6.22 5.81
C VAL A 61 -15.49 -5.03 6.80
N LYS A 62 -15.60 -3.82 6.26
CA LYS A 62 -15.76 -2.67 7.07
C LYS A 62 -17.16 -2.17 6.91
N VAL A 63 -17.86 -1.98 8.02
CA VAL A 63 -19.26 -1.54 7.96
C VAL A 63 -19.38 -0.17 8.57
N GLY A 64 -19.98 0.74 7.82
CA GLY A 64 -20.21 2.09 8.29
C GLY A 64 -21.64 2.27 8.72
N PHE A 65 -21.82 2.90 9.86
CA PHE A 65 -23.15 3.14 10.37
C PHE A 65 -23.26 4.47 11.10
N THR A 66 -24.43 5.09 11.03
CA THR A 66 -24.63 6.35 11.68
C THR A 66 -24.73 6.21 13.20
N LEU A 67 -23.98 7.06 13.89
CA LEU A 67 -24.08 7.25 15.31
C LEU A 67 -25.08 8.36 15.48
N GLU A 68 -26.08 8.13 16.33
CA GLU A 68 -27.00 9.20 16.72
C GLU A 68 -26.90 9.47 18.23
N GLY A 69 -27.55 8.82 19.05
N ASP B 3 -22.12 -19.71 9.37
CA ASP B 3 -21.44 -20.01 10.71
C ASP B 3 -20.80 -18.77 11.44
N HIS B 4 -19.66 -19.00 12.08
CA HIS B 4 -19.11 -18.01 12.96
C HIS B 4 -18.87 -16.64 12.25
N VAL B 5 -19.14 -15.56 12.98
CA VAL B 5 -18.85 -14.19 12.56
C VAL B 5 -17.88 -13.61 13.60
N TYR B 6 -16.84 -12.91 13.13
CA TYR B 6 -15.80 -12.40 14.02
C TYR B 6 -15.72 -10.89 13.99
N LYS B 7 -15.27 -10.32 15.08
CA LYS B 7 -15.06 -8.88 15.13
C LYS B 7 -13.59 -8.69 15.29
N ILE B 8 -13.07 -7.69 14.59
CA ILE B 8 -11.65 -7.35 14.70
C ILE B 8 -11.56 -5.99 15.33
N VAL B 9 -10.86 -5.90 16.46
CA VAL B 9 -10.62 -4.59 17.09
C VAL B 9 -9.16 -4.26 17.04
N GLU B 10 -8.88 -2.98 16.96
CA GLU B 10 -7.53 -2.49 16.87
C GLU B 10 -7.13 -1.97 18.23
N LEU B 11 -6.03 -2.51 18.76
CA LEU B 11 -5.51 -2.10 20.05
C LEU B 11 -4.04 -1.83 19.93
N THR B 12 -3.54 -0.94 20.76
CA THR B 12 -2.12 -0.78 20.81
C THR B 12 -1.60 -0.93 22.24
N GLY B 13 -0.76 -1.95 22.44
CA GLY B 13 -0.21 -2.29 23.72
C GLY B 13 1.11 -1.62 23.88
N SER B 14 1.44 -1.36 25.14
CA SER B 14 2.63 -0.60 25.53
C SER B 14 3.50 -1.42 26.47
N SER B 15 4.81 -1.26 26.38
CA SER B 15 5.73 -1.91 27.31
C SER B 15 7.07 -1.23 27.30
N PRO B 16 7.69 -1.05 28.48
CA PRO B 16 9.07 -0.52 28.51
C PRO B 16 10.09 -1.59 28.14
N ASN B 17 9.64 -2.83 27.96
CA ASN B 17 10.55 -3.94 27.69
C ASN B 17 10.74 -4.33 26.24
N GLY B 18 9.68 -4.38 25.43
CA GLY B 18 9.82 -4.73 24.02
C GLY B 18 8.53 -5.19 23.32
N ILE B 19 8.70 -5.76 22.15
CA ILE B 19 7.61 -5.99 21.25
C ILE B 19 6.67 -7.06 21.76
N GLU B 20 7.19 -8.22 22.11
CA GLU B 20 6.33 -9.31 22.57
C GLU B 20 5.57 -8.93 23.84
N GLU B 21 6.22 -8.19 24.71
CA GLU B 21 5.60 -7.77 25.97
C GLU B 21 4.46 -6.81 25.71
N ALA B 22 4.73 -5.84 24.82
CA ALA B 22 3.70 -4.90 24.33
C ALA B 22 2.49 -5.64 23.77
N VAL B 23 2.68 -6.67 22.96
CA VAL B 23 1.46 -7.27 22.39
C VAL B 23 0.71 -8.08 23.39
N ASN B 24 1.46 -8.72 24.30
CA ASN B 24 0.85 -9.49 25.39
C ASN B 24 0.01 -8.63 26.31
N ASN B 25 0.47 -7.43 26.61
CA ASN B 25 -0.32 -6.50 27.42
C ASN B 25 -1.62 -6.14 26.71
N ALA B 26 -1.56 -5.91 25.40
CA ALA B 26 -2.77 -5.62 24.64
C ALA B 26 -3.74 -6.79 24.63
N ILE B 27 -3.22 -7.99 24.47
CA ILE B 27 -4.07 -9.21 24.46
C ILE B 27 -4.62 -9.56 25.86
N ALA B 28 -3.80 -9.37 26.88
CA ALA B 28 -4.31 -9.47 28.26
C ALA B 28 -5.51 -8.53 28.49
N ARG B 29 -5.35 -7.23 28.19
CA ARG B 29 -6.45 -6.27 28.42
C ARG B 29 -7.68 -6.53 27.57
N ALA B 30 -7.49 -7.15 26.42
CA ALA B 30 -8.62 -7.53 25.58
C ALA B 30 -9.33 -8.73 26.18
N GLY B 31 -8.54 -9.63 26.78
CA GLY B 31 -9.06 -10.86 27.36
C GLY B 31 -9.94 -10.63 28.57
N GLU B 32 -9.64 -9.58 29.32
CA GLU B 32 -10.46 -9.16 30.48
C GLU B 32 -11.88 -8.84 30.05
N THR B 33 -12.01 -8.10 28.94
CA THR B 33 -13.29 -7.54 28.52
C THR B 33 -14.00 -8.30 27.39
N LEU B 34 -13.24 -8.92 26.50
CA LEU B 34 -13.83 -9.65 25.37
C LEU B 34 -13.67 -11.14 25.64
N ARG B 35 -14.28 -11.95 24.77
CA ARG B 35 -14.32 -13.39 24.94
C ARG B 35 -14.12 -14.08 23.60
N HIS B 36 -13.47 -15.25 23.62
CA HIS B 36 -13.18 -16.06 22.41
C HIS B 36 -12.18 -15.39 21.48
N LEU B 37 -11.07 -14.93 22.05
CA LEU B 37 -10.00 -14.38 21.28
C LEU B 37 -9.40 -15.50 20.47
N ARG B 38 -9.31 -15.32 19.15
CA ARG B 38 -8.81 -16.39 18.27
C ARG B 38 -7.44 -16.09 17.64
N TRP B 39 -7.31 -14.93 16.98
CA TRP B 39 -6.02 -14.58 16.31
C TRP B 39 -5.72 -13.10 16.38
N PHE B 40 -4.46 -12.76 16.15
CA PHE B 40 -4.08 -11.36 16.06
C PHE B 40 -3.09 -11.14 14.92
N GLU B 41 -3.02 -9.89 14.46
CA GLU B 41 -2.07 -9.48 13.47
C GLU B 41 -1.39 -8.16 13.88
N VAL B 42 -0.06 -8.09 13.79
CA VAL B 42 0.62 -6.84 14.12
C VAL B 42 0.45 -5.82 12.99
N VAL B 43 -0.14 -4.67 13.26
CA VAL B 43 -0.20 -3.69 12.20
C VAL B 43 0.98 -2.73 12.15
N ASP B 44 1.76 -2.63 13.20
CA ASP B 44 2.55 -1.42 13.30
C ASP B 44 3.37 -1.42 14.60
N THR B 45 4.64 -1.04 14.54
CA THR B 45 5.44 -0.92 15.73
C THR B 45 5.97 0.48 15.82
N ARG B 46 5.70 1.16 16.92
CA ARG B 46 6.14 2.53 17.18
C ARG B 46 6.81 2.65 18.56
N GLY B 47 7.20 3.84 18.97
CA GLY B 47 7.63 4.00 20.32
C GLY B 47 7.99 5.41 20.71
N HIS B 48 8.10 5.63 22.02
CA HIS B 48 8.48 6.93 22.59
C HIS B 48 9.97 6.93 22.97
N ILE B 49 10.64 8.04 22.70
CA ILE B 49 12.04 8.16 23.02
C ILE B 49 12.21 9.20 24.15
N GLU B 50 12.88 8.78 25.23
CA GLU B 50 13.12 9.62 26.42
C GLU B 50 14.59 9.58 26.77
N GLY B 51 15.16 10.75 27.02
CA GLY B 51 16.61 10.91 26.90
C GLY B 51 16.91 10.58 25.43
N GLY B 52 17.89 9.73 25.21
CA GLY B 52 18.16 9.24 23.86
C GLY B 52 17.90 7.77 23.79
N ARG B 53 16.90 7.32 24.55
CA ARG B 53 16.55 5.88 24.62
C ARG B 53 15.06 5.66 24.52
N VAL B 54 14.70 4.48 24.00
CA VAL B 54 13.30 4.08 23.92
C VAL B 54 12.83 3.82 25.34
N ASN B 55 11.74 4.49 25.75
CA ASN B 55 11.09 4.21 27.03
C ASN B 55 9.73 3.51 26.96
N HIS B 56 9.11 3.53 25.77
CA HIS B 56 7.87 2.78 25.54
C HIS B 56 7.87 2.17 24.16
N TRP B 57 7.63 0.86 24.09
CA TRP B 57 7.39 0.18 22.82
C TRP B 57 5.90 0.15 22.66
N GLN B 58 5.44 0.59 21.49
CA GLN B 58 4.02 0.69 21.20
C GLN B 58 3.71 -0.15 19.98
N VAL B 59 3.08 -1.29 20.21
CA VAL B 59 2.76 -2.16 19.10
C VAL B 59 1.27 -2.15 18.90
N THR B 60 0.83 -1.71 17.73
CA THR B 60 -0.58 -1.77 17.45
C THR B 60 -0.93 -3.06 16.73
N VAL B 61 -2.09 -3.59 17.06
CA VAL B 61 -2.38 -4.97 16.80
C VAL B 61 -3.86 -5.12 16.48
N LYS B 62 -4.21 -6.00 15.55
CA LYS B 62 -5.59 -6.29 15.30
C LYS B 62 -5.94 -7.65 15.88
N VAL B 63 -6.96 -7.68 16.71
CA VAL B 63 -7.33 -8.92 17.41
C VAL B 63 -8.67 -9.38 16.88
N GLY B 64 -8.71 -10.63 16.40
CA GLY B 64 -9.97 -11.20 15.92
C GLY B 64 -10.59 -12.11 16.97
N PHE B 65 -11.89 -11.95 17.18
CA PHE B 65 -12.58 -12.77 18.18
C PHE B 65 -14.00 -13.13 17.76
N THR B 66 -14.45 -14.31 18.18
CA THR B 66 -15.79 -14.78 17.81
C THR B 66 -16.88 -14.01 18.56
N LEU B 67 -17.87 -13.59 17.77
CA LEU B 67 -19.09 -13.01 18.28
C LEU B 67 -20.08 -14.16 18.37
N GLU B 68 -20.65 -14.34 19.56
CA GLU B 68 -21.74 -15.32 19.72
C GLU B 68 -23.08 -14.62 20.07
N GLY B 69 -23.42 -14.33 21.24
N ASP C 3 3.09 -0.58 30.47
CA ASP C 3 1.96 0.06 31.20
C ASP C 3 0.64 0.02 30.37
N HIS C 4 0.17 1.18 29.92
CA HIS C 4 -1.17 1.28 29.37
C HIS C 4 -1.45 0.61 28.03
N VAL C 5 -2.73 0.51 27.73
CA VAL C 5 -3.23 -0.11 26.53
C VAL C 5 -4.21 0.88 25.88
N TYR C 6 -4.18 0.98 24.56
CA TYR C 6 -5.06 1.89 23.84
C TYR C 6 -5.96 1.18 22.86
N LYS C 7 -7.14 1.76 22.64
CA LYS C 7 -8.04 1.26 21.61
C LYS C 7 -8.07 2.30 20.52
N ILE C 8 -8.15 1.79 19.29
CA ILE C 8 -8.24 2.66 18.14
C ILE C 8 -9.56 2.41 17.46
N VAL C 9 -10.42 3.41 17.42
CA VAL C 9 -11.68 3.29 16.67
C VAL C 9 -11.67 4.14 15.41
N GLU C 10 -12.38 3.66 14.40
CA GLU C 10 -12.46 4.32 13.12
C GLU C 10 -13.81 5.04 13.03
N LEU C 11 -13.75 6.36 12.86
CA LEU C 11 -14.93 7.15 12.71
C LEU C 11 -14.80 8.01 11.48
N THR C 12 -15.92 8.34 10.88
CA THR C 12 -15.91 9.32 9.82
C THR C 12 -16.81 10.47 10.15
N GLY C 13 -16.21 11.65 10.22
CA GLY C 13 -16.94 12.86 10.49
C GLY C 13 -17.37 13.56 9.24
N SER C 14 -18.47 14.28 9.34
CA SER C 14 -19.11 14.98 8.25
C SER C 14 -19.21 16.47 8.52
N SER C 15 -19.07 17.28 7.47
CA SER C 15 -19.28 18.71 7.56
C SER C 15 -19.51 19.34 6.19
N PRO C 16 -20.46 20.27 6.11
CA PRO C 16 -20.63 20.99 4.84
C PRO C 16 -19.55 22.06 4.63
N ASN C 17 -18.68 22.25 5.62
CA ASN C 17 -17.69 23.32 5.59
C ASN C 17 -16.28 22.96 5.23
N GLY C 18 -15.83 21.74 5.50
CA GLY C 18 -14.46 21.35 5.16
C GLY C 18 -13.82 20.29 6.01
N ILE C 19 -12.51 20.13 5.81
CA ILE C 19 -11.79 19.00 6.40
C ILE C 19 -11.65 19.11 7.93
N GLU C 20 -11.18 20.24 8.41
CA GLU C 20 -10.95 20.43 9.84
C GLU C 20 -12.24 20.35 10.67
N GLU C 21 -13.31 20.88 10.11
CA GLU C 21 -14.61 20.84 10.76
C GLU C 21 -15.12 19.40 10.79
N ALA C 22 -14.93 18.66 9.72
CA ALA C 22 -15.36 17.26 9.67
C ALA C 22 -14.64 16.39 10.69
N VAL C 23 -13.34 16.60 10.86
CA VAL C 23 -12.66 15.81 11.90
C VAL C 23 -13.05 16.26 13.31
N ASN C 24 -13.17 17.55 13.53
CA ASN C 24 -13.64 18.05 14.82
C ASN C 24 -14.98 17.45 15.23
N ASN C 25 -15.91 17.39 14.27
CA ASN C 25 -17.18 16.75 14.56
C ASN C 25 -17.01 15.31 15.00
N ALA C 26 -16.09 14.60 14.37
CA ALA C 26 -15.90 13.19 14.69
C ALA C 26 -15.35 13.07 16.09
N ILE C 27 -14.41 13.94 16.44
CA ILE C 27 -13.74 13.92 17.72
C ILE C 27 -14.65 14.41 18.86
N ALA C 28 -15.48 15.42 18.58
CA ALA C 28 -16.52 15.84 19.52
C ALA C 28 -17.44 14.67 19.87
N ARG C 29 -17.98 13.98 18.85
CA ARG C 29 -18.87 12.82 19.10
C ARG C 29 -18.23 11.65 19.84
N ALA C 30 -16.93 11.48 19.61
CA ALA C 30 -16.18 10.46 20.30
C ALA C 30 -15.97 10.84 21.77
N GLY C 31 -15.73 12.14 22.00
CA GLY C 31 -15.53 12.71 23.34
C GLY C 31 -16.75 12.63 24.26
N GLU C 32 -17.94 12.68 23.69
CA GLU C 32 -19.18 12.44 24.44
C GLU C 32 -19.24 11.04 25.04
N THR C 33 -18.84 10.04 24.28
CA THR C 33 -19.03 8.64 24.66
C THR C 33 -17.77 7.93 25.18
N LEU C 34 -16.61 8.28 24.64
CA LEU C 34 -15.36 7.70 25.11
C LEU C 34 -14.61 8.69 25.98
N ARG C 35 -13.55 8.21 26.64
CA ARG C 35 -12.78 8.99 27.60
C ARG C 35 -11.29 8.77 27.35
N HIS C 36 -10.49 9.80 27.58
CA HIS C 36 -9.04 9.74 27.42
C HIS C 36 -8.59 9.62 25.97
N LEU C 37 -9.20 10.44 25.11
CA LEU C 37 -8.79 10.59 23.74
C LEU C 37 -7.38 11.17 23.72
N ARG C 38 -6.46 10.53 23.02
CA ARG C 38 -5.07 10.94 23.02
C ARG C 38 -4.61 11.43 21.63
N TRP C 39 -4.82 10.65 20.59
CA TRP C 39 -4.36 11.05 19.28
C TRP C 39 -5.30 10.61 18.20
N PHE C 40 -5.12 11.15 17.00
CA PHE C 40 -5.85 10.70 15.86
C PHE C 40 -4.98 10.68 14.61
N GLU C 41 -5.43 9.93 13.63
CA GLU C 41 -4.81 9.88 12.32
C GLU C 41 -5.90 9.95 11.24
N VAL C 42 -5.71 10.80 10.23
CA VAL C 42 -6.62 10.83 9.08
C VAL C 42 -6.35 9.62 8.19
N VAL C 43 -7.35 8.80 7.94
CA VAL C 43 -7.14 7.71 6.99
C VAL C 43 -7.57 8.02 5.57
N ASP C 44 -8.42 9.03 5.37
CA ASP C 44 -9.14 9.09 4.13
C ASP C 44 -10.05 10.33 4.07
N THR C 45 -10.07 11.02 2.92
CA THR C 45 -10.97 12.14 2.70
C THR C 45 -11.84 11.90 1.49
N ARG C 46 -13.14 12.02 1.69
CA ARG C 46 -14.14 11.71 0.67
C ARG C 46 -15.25 12.76 0.73
N GLY C 47 -16.19 12.70 -0.17
CA GLY C 47 -17.29 13.65 -0.09
C GLY C 47 -18.43 13.32 -0.99
N HIS C 48 -19.56 13.96 -0.73
CA HIS C 48 -20.74 13.86 -1.58
C HIS C 48 -20.88 15.10 -2.44
N ILE C 49 -21.27 14.91 -3.68
CA ILE C 49 -21.46 16.03 -4.62
C ILE C 49 -22.96 16.19 -4.96
N GLU C 50 -23.47 17.41 -4.77
CA GLU C 50 -24.86 17.77 -5.01
C GLU C 50 -24.84 19.00 -5.87
N GLY C 51 -25.74 19.02 -6.86
CA GLY C 51 -25.57 19.90 -8.01
C GLY C 51 -24.19 19.57 -8.54
N GLY C 52 -23.37 20.58 -8.76
CA GLY C 52 -22.00 20.34 -9.18
C GLY C 52 -21.10 20.90 -8.10
N ARG C 53 -21.52 20.73 -6.86
CA ARG C 53 -20.73 21.21 -5.72
C ARG C 53 -20.66 20.20 -4.58
N VAL C 54 -19.57 20.26 -3.82
CA VAL C 54 -19.43 19.43 -2.64
C VAL C 54 -20.42 19.91 -1.58
N ASN C 55 -21.30 19.04 -1.14
CA ASN C 55 -22.17 19.38 -0.01
C ASN C 55 -21.83 18.73 1.34
N HIS C 56 -21.03 17.66 1.30
CA HIS C 56 -20.54 17.01 2.54
C HIS C 56 -19.08 16.61 2.40
N TRP C 57 -18.22 17.13 3.28
CA TRP C 57 -16.85 16.62 3.41
C TRP C 57 -16.84 15.47 4.40
N GLN C 58 -16.29 14.33 4.02
CA GLN C 58 -16.36 13.15 4.86
C GLN C 58 -14.96 12.67 5.17
N VAL C 59 -14.48 12.97 6.36
CA VAL C 59 -13.13 12.60 6.73
C VAL C 59 -13.15 11.40 7.66
N THR C 60 -12.55 10.31 7.23
CA THR C 60 -12.45 9.20 8.12
C THR C 60 -11.13 9.16 8.89
N VAL C 61 -11.24 8.78 10.13
CA VAL C 61 -10.22 9.13 11.07
C VAL C 61 -10.04 7.95 12.03
N LYS C 62 -8.83 7.70 12.45
CA LYS C 62 -8.64 6.75 13.52
C LYS C 62 -8.30 7.50 14.81
N VAL C 63 -8.99 7.15 15.89
CA VAL C 63 -8.83 7.89 17.14
C VAL C 63 -8.35 6.92 18.16
N GLY C 64 -7.28 7.32 18.85
CA GLY C 64 -6.65 6.49 19.84
C GLY C 64 -6.98 6.99 21.23
N PHE C 65 -7.37 6.08 22.10
CA PHE C 65 -7.72 6.47 23.44
C PHE C 65 -7.32 5.40 24.45
N THR C 66 -6.94 5.85 25.66
CA THR C 66 -6.53 4.96 26.72
C THR C 66 -7.70 4.17 27.28
N LEU C 67 -7.50 2.87 27.42
CA LEU C 67 -8.43 2.01 28.13
C LEU C 67 -7.93 1.97 29.56
N GLU C 68 -8.80 2.23 30.52
CA GLU C 68 -8.43 2.00 31.92
C GLU C 68 -9.32 0.92 32.55
N GLY C 69 -10.44 1.17 33.01
N ASP D 3 -7.01 28.56 -9.36
CA ASP D 3 -6.55 28.72 -10.76
C ASP D 3 -6.86 27.43 -11.59
N HIS D 4 -5.81 26.71 -11.98
CA HIS D 4 -5.86 25.57 -12.95
C HIS D 4 -6.41 24.18 -12.51
N VAL D 5 -6.78 23.38 -13.50
CA VAL D 5 -7.29 22.02 -13.25
C VAL D 5 -6.68 21.01 -14.24
N TYR D 6 -6.26 19.86 -13.75
CA TYR D 6 -5.64 18.86 -14.61
C TYR D 6 -6.43 17.56 -14.61
N LYS D 7 -6.33 16.83 -15.70
CA LYS D 7 -6.91 15.50 -15.77
C LYS D 7 -5.76 14.51 -15.80
N ILE D 8 -5.97 13.35 -15.20
CA ILE D 8 -4.98 12.32 -15.21
C ILE D 8 -5.59 11.12 -15.88
N VAL D 9 -5.04 10.72 -17.02
CA VAL D 9 -5.46 9.46 -17.65
C VAL D 9 -4.39 8.38 -17.52
N GLU D 10 -4.87 7.14 -17.46
CA GLU D 10 -4.05 5.97 -17.30
C GLU D 10 -3.92 5.27 -18.67
N LEU D 11 -2.69 5.15 -19.15
CA LEU D 11 -2.40 4.51 -20.41
C LEU D 11 -1.33 3.49 -20.20
N THR D 12 -1.36 2.44 -21.01
CA THR D 12 -0.26 1.53 -20.96
C THR D 12 0.37 1.39 -22.35
N GLY D 13 1.63 1.83 -22.45
CA GLY D 13 2.38 1.78 -23.69
C GLY D 13 3.11 0.48 -23.87
N SER D 14 3.36 0.11 -25.12
CA SER D 14 3.95 -1.18 -25.45
C SER D 14 5.15 -0.97 -26.31
N SER D 15 6.13 -1.85 -26.17
CA SER D 15 7.32 -1.82 -27.01
C SER D 15 8.03 -3.14 -26.91
N PRO D 16 8.56 -3.64 -28.04
CA PRO D 16 9.40 -4.86 -27.98
C PRO D 16 10.82 -4.56 -27.56
N ASN D 17 11.14 -3.28 -27.34
CA ASN D 17 12.49 -2.87 -26.98
C ASN D 17 12.75 -2.57 -25.51
N GLY D 18 11.79 -2.03 -24.77
CA GLY D 18 12.08 -1.69 -23.39
C GLY D 18 11.23 -0.60 -22.76
N ILE D 19 11.62 -0.23 -21.54
CA ILE D 19 10.76 0.57 -20.68
C ILE D 19 10.60 1.98 -21.19
N GLU D 20 11.71 2.67 -21.46
CA GLU D 20 11.62 4.03 -21.99
C GLU D 20 10.86 4.14 -23.30
N GLU D 21 10.96 3.13 -24.15
CA GLU D 21 10.36 3.17 -25.46
C GLU D 21 8.87 3.00 -25.25
N ALA D 22 8.51 2.06 -24.36
CA ALA D 22 7.08 1.81 -23.98
C ALA D 22 6.38 3.05 -23.47
N VAL D 23 7.04 3.82 -22.61
CA VAL D 23 6.38 5.03 -22.10
C VAL D 23 6.29 6.15 -23.13
N ASN D 24 7.34 6.32 -23.92
CA ASN D 24 7.33 7.26 -25.06
C ASN D 24 6.21 6.98 -26.07
N ASN D 25 5.96 5.69 -26.38
CA ASN D 25 4.84 5.33 -27.24
C ASN D 25 3.52 5.81 -26.65
N ALA D 26 3.33 5.52 -25.37
CA ALA D 26 2.12 5.95 -24.66
C ALA D 26 1.96 7.46 -24.68
N ILE D 27 3.06 8.18 -24.47
CA ILE D 27 3.00 9.63 -24.46
C ILE D 27 2.81 10.22 -25.86
N ALA D 28 3.48 9.65 -26.86
CA ALA D 28 3.19 9.96 -28.25
C ALA D 28 1.69 9.83 -28.55
N ARG D 29 1.09 8.67 -28.27
CA ARG D 29 -0.34 8.46 -28.59
C ARG D 29 -1.28 9.39 -27.85
N ALA D 30 -0.89 9.81 -26.65
CA ALA D 30 -1.67 10.76 -25.88
C ALA D 30 -1.56 12.16 -26.45
N GLY D 31 -0.39 12.51 -26.95
CA GLY D 31 -0.15 13.83 -27.53
C GLY D 31 -0.89 14.08 -28.84
N GLU D 32 -1.14 13.02 -29.60
CA GLU D 32 -1.96 13.11 -30.81
C GLU D 32 -3.36 13.59 -30.48
N THR D 33 -3.93 13.05 -29.41
CA THR D 33 -5.33 13.31 -29.06
C THR D 33 -5.58 14.34 -27.94
N LEU D 34 -4.66 14.45 -26.99
CA LEU D 34 -4.83 15.39 -25.88
C LEU D 34 -3.86 16.54 -26.08
N ARG D 35 -3.94 17.53 -25.20
CA ARG D 35 -3.20 18.77 -25.35
C ARG D 35 -2.75 19.28 -23.99
N HIS D 36 -1.56 19.88 -23.95
CA HIS D 36 -0.99 20.40 -22.72
C HIS D 36 -0.61 19.27 -21.73
N LEU D 37 0.07 18.24 -22.25
CA LEU D 37 0.67 17.22 -21.43
C LEU D 37 1.77 17.84 -20.55
N ARG D 38 1.67 17.66 -19.22
CA ARG D 38 2.60 18.32 -18.30
C ARG D 38 3.56 17.35 -17.57
N TRP D 39 3.02 16.31 -16.94
CA TRP D 39 3.86 15.30 -16.28
C TRP D 39 3.32 13.91 -16.37
N PHE D 40 4.13 12.94 -15.99
CA PHE D 40 3.66 11.58 -15.95
C PHE D 40 4.25 10.83 -14.75
N GLU D 41 3.64 9.70 -14.44
CA GLU D 41 4.14 8.84 -13.39
C GLU D 41 4.01 7.40 -13.82
N VAL D 42 5.06 6.61 -13.63
CA VAL D 42 4.97 5.17 -13.94
C VAL D 42 4.24 4.45 -12.84
N VAL D 43 3.16 3.79 -13.15
CA VAL D 43 2.46 3.03 -12.11
C VAL D 43 2.90 1.59 -12.02
N ASP D 44 3.50 1.02 -13.06
CA ASP D 44 3.52 -0.44 -13.18
C ASP D 44 4.29 -0.89 -14.43
N THR D 45 5.14 -1.91 -14.28
CA THR D 45 5.85 -2.45 -15.43
C THR D 45 5.55 -3.95 -15.57
N ARG D 46 5.01 -4.35 -16.72
CA ARG D 46 4.65 -5.74 -16.96
C ARG D 46 5.18 -6.16 -18.34
N GLY D 47 4.95 -7.40 -18.72
CA GLY D 47 5.30 -7.81 -20.05
C GLY D 47 4.81 -9.18 -20.45
N HIS D 48 4.81 -9.40 -21.76
CA HIS D 48 4.44 -10.70 -22.32
C HIS D 48 5.70 -11.52 -22.64
N ILE D 49 5.67 -12.81 -22.30
CA ILE D 49 6.78 -13.72 -22.60
C ILE D 49 6.38 -14.66 -23.76
N GLU D 50 7.24 -14.72 -24.78
CA GLU D 50 7.07 -15.53 -25.99
C GLU D 50 8.33 -16.30 -26.27
N GLY D 51 8.19 -17.60 -26.48
CA GLY D 51 9.32 -18.50 -26.31
C GLY D 51 9.68 -18.38 -24.82
N GLY D 52 10.95 -18.20 -24.55
CA GLY D 52 11.38 -17.97 -23.16
C GLY D 52 11.99 -16.59 -23.10
N ARG D 53 11.39 -15.66 -23.82
CA ARG D 53 11.90 -14.30 -23.90
C ARG D 53 10.78 -13.24 -23.87
N VAL D 54 11.09 -12.07 -23.34
CA VAL D 54 10.16 -10.97 -23.34
C VAL D 54 9.98 -10.48 -24.79
N ASN D 55 8.75 -10.53 -25.29
CA ASN D 55 8.47 -9.91 -26.59
C ASN D 55 7.71 -8.58 -26.54
N HIS D 56 7.05 -8.27 -25.43
CA HIS D 56 6.42 -6.94 -25.22
C HIS D 56 6.67 -6.43 -23.79
N TRP D 57 7.25 -5.23 -23.70
CA TRP D 57 7.32 -4.50 -22.46
C TRP D 57 6.06 -3.65 -22.36
N GLN D 58 5.32 -3.80 -21.27
CA GLN D 58 4.09 -3.03 -21.05
C GLN D 58 4.21 -2.13 -19.82
N VAL D 59 4.38 -0.84 -20.05
CA VAL D 59 4.50 0.08 -18.96
C VAL D 59 3.24 0.87 -18.85
N THR D 60 2.59 0.83 -17.72
CA THR D 60 1.40 1.63 -17.54
C THR D 60 1.76 2.89 -16.79
N VAL D 61 1.14 3.97 -17.17
CA VAL D 61 1.65 5.25 -16.85
C VAL D 61 0.45 6.16 -16.61
N LYS D 62 0.59 7.14 -15.72
CA LYS D 62 -0.44 8.12 -15.53
C LYS D 62 0.05 9.44 -16.10
N VAL D 63 -0.74 10.02 -16.99
CA VAL D 63 -0.34 11.25 -17.65
C VAL D 63 -1.23 12.39 -17.22
N GLY D 64 -0.61 13.47 -16.74
CA GLY D 64 -1.32 14.66 -16.26
C GLY D 64 -1.30 15.73 -17.32
N PHE D 65 -2.45 16.31 -17.58
CA PHE D 65 -2.54 17.36 -18.59
C PHE D 65 -3.55 18.44 -18.22
N THR D 66 -3.26 19.66 -18.64
CA THR D 66 -4.12 20.79 -18.33
C THR D 66 -5.43 20.72 -19.15
N LEU D 67 -6.54 20.85 -18.43
CA LEU D 67 -7.84 21.13 -19.02
C LEU D 67 -7.96 22.64 -19.13
N GLU D 68 -8.33 23.11 -20.32
CA GLU D 68 -8.68 24.54 -20.51
C GLU D 68 -10.14 24.65 -20.96
N GLY D 69 -10.48 24.56 -22.15
N ASP E 3 4.30 -1.41 -30.68
CA ASP E 3 3.02 -1.48 -31.44
C ASP E 3 1.82 -0.86 -30.67
N HIS E 4 1.00 -1.70 -30.03
CA HIS E 4 -0.27 -1.27 -29.41
C HIS E 4 -0.10 -0.45 -28.15
N VAL E 5 -1.02 0.51 -27.98
CA VAL E 5 -1.20 1.33 -26.76
C VAL E 5 -2.61 1.12 -26.19
N TYR E 6 -2.70 0.97 -24.87
CA TYR E 6 -3.99 0.70 -24.20
C TYR E 6 -4.44 1.83 -23.27
N LYS E 7 -5.75 1.98 -23.11
CA LYS E 7 -6.29 2.93 -22.16
C LYS E 7 -6.94 2.12 -21.07
N ILE E 8 -6.83 2.60 -19.84
CA ILE E 8 -7.44 1.93 -18.73
C ILE E 8 -8.44 2.90 -18.15
N VAL E 9 -9.71 2.50 -18.10
CA VAL E 9 -10.72 3.32 -17.44
C VAL E 9 -11.27 2.61 -16.21
N GLU E 10 -11.68 3.43 -15.25
CA GLU E 10 -12.12 2.96 -13.97
C GLU E 10 -13.61 3.13 -13.94
N LEU E 11 -14.30 2.02 -13.75
CA LEU E 11 -15.77 1.99 -13.72
C LEU E 11 -16.19 1.20 -12.53
N THR E 12 -17.35 1.54 -12.00
CA THR E 12 -17.91 0.75 -10.93
C THR E 12 -19.31 0.30 -11.32
N GLY E 13 -19.46 -1.03 -11.36
CA GLY E 13 -20.70 -1.65 -11.69
C GLY E 13 -21.51 -2.01 -10.49
N SER E 14 -22.81 -1.97 -10.67
CA SER E 14 -23.77 -2.16 -9.60
C SER E 14 -24.70 -3.35 -9.91
N SER E 15 -25.09 -4.08 -8.87
CA SER E 15 -26.03 -5.18 -9.01
C SER E 15 -26.57 -5.52 -7.66
N PRO E 16 -27.90 -5.79 -7.58
CA PRO E 16 -28.49 -6.27 -6.33
C PRO E 16 -28.14 -7.73 -6.06
N ASN E 17 -27.47 -8.38 -7.03
CA ASN E 17 -27.27 -9.82 -6.93
C ASN E 17 -25.93 -10.30 -6.46
N GLY E 18 -24.86 -9.57 -6.75
CA GLY E 18 -23.53 -10.00 -6.30
C GLY E 18 -22.37 -9.51 -7.14
N ILE E 19 -21.21 -10.06 -6.85
CA ILE E 19 -19.96 -9.50 -7.38
C ILE E 19 -19.80 -9.69 -8.87
N GLU E 20 -19.91 -10.93 -9.35
CA GLU E 20 -19.80 -11.23 -10.77
C GLU E 20 -20.78 -10.43 -11.62
N GLU E 21 -22.02 -10.31 -11.14
CA GLU E 21 -23.07 -9.60 -11.89
C GLU E 21 -22.75 -8.11 -12.01
N ALA E 22 -22.27 -7.54 -10.89
CA ALA E 22 -21.81 -6.15 -10.86
C ALA E 22 -20.70 -5.88 -11.86
N VAL E 23 -19.70 -6.76 -11.94
CA VAL E 23 -18.64 -6.48 -12.91
C VAL E 23 -19.11 -6.67 -14.34
N ASN E 24 -19.93 -7.71 -14.59
CA ASN E 24 -20.55 -7.90 -15.91
C ASN E 24 -21.34 -6.70 -16.39
N ASN E 25 -22.13 -6.09 -15.50
CA ASN E 25 -22.82 -4.85 -15.83
C ASN E 25 -21.86 -3.73 -16.26
N ALA E 26 -20.77 -3.59 -15.53
CA ALA E 26 -19.76 -2.58 -15.83
C ALA E 26 -19.13 -2.87 -17.18
N ILE E 27 -18.84 -4.12 -17.44
CA ILE E 27 -18.23 -4.50 -18.70
C ILE E 27 -19.19 -4.45 -19.91
N ALA E 28 -20.44 -4.80 -19.71
CA ALA E 28 -21.46 -4.55 -20.69
C ALA E 28 -21.56 -3.07 -21.05
N ARG E 29 -21.75 -2.20 -20.08
CA ARG E 29 -21.83 -0.73 -20.38
C ARG E 29 -20.59 -0.15 -21.05
N ALA E 30 -19.43 -0.74 -20.78
CA ALA E 30 -18.19 -0.30 -21.41
C ALA E 30 -18.14 -0.75 -22.87
N GLY E 31 -18.59 -2.00 -23.10
CA GLY E 31 -18.68 -2.58 -24.45
C GLY E 31 -19.59 -1.82 -25.42
N GLU E 32 -20.64 -1.20 -24.89
CA GLU E 32 -21.54 -0.35 -25.69
C GLU E 32 -20.81 0.84 -26.28
N THR E 33 -19.98 1.50 -25.46
CA THR E 33 -19.33 2.74 -25.88
C THR E 33 -17.87 2.61 -26.31
N LEU E 34 -17.15 1.65 -25.75
CA LEU E 34 -15.75 1.44 -26.12
C LEU E 34 -15.59 0.19 -27.01
N ARG E 35 -14.38 0.00 -27.54
CA ARG E 35 -14.11 -1.07 -28.47
C ARG E 35 -12.76 -1.71 -28.16
N HIS E 36 -12.67 -3.01 -28.38
CA HIS E 36 -11.44 -3.77 -28.12
C HIS E 36 -11.10 -3.90 -26.62
N LEU E 37 -12.09 -4.27 -25.84
CA LEU E 37 -11.91 -4.57 -24.45
C LEU E 37 -11.06 -5.82 -24.32
N ARG E 38 -9.93 -5.75 -23.63
CA ARG E 38 -9.00 -6.87 -23.53
C ARG E 38 -8.94 -7.52 -22.13
N TRP E 39 -8.74 -6.71 -21.09
CA TRP E 39 -8.69 -7.28 -19.73
C TRP E 39 -9.30 -6.33 -18.69
N PHE E 40 -9.56 -6.87 -17.51
CA PHE E 40 -9.98 -6.05 -16.40
C PHE E 40 -9.31 -6.45 -15.09
N GLU E 41 -9.36 -5.53 -14.13
CA GLU E 41 -8.85 -5.81 -12.79
C GLU E 41 -9.82 -5.26 -11.76
N VAL E 42 -10.18 -6.07 -10.76
CA VAL E 42 -11.05 -5.60 -9.69
C VAL E 42 -10.25 -4.74 -8.73
N VAL E 43 -10.64 -3.47 -8.57
CA VAL E 43 -9.91 -2.66 -7.62
C VAL E 43 -10.49 -2.66 -6.22
N ASP E 44 -11.74 -3.04 -6.05
CA ASP E 44 -12.43 -2.61 -4.86
C ASP E 44 -13.88 -3.13 -4.87
N THR E 45 -14.34 -3.66 -3.73
CA THR E 45 -15.71 -4.14 -3.58
C THR E 45 -16.38 -3.44 -2.43
N ARG E 46 -17.50 -2.79 -2.71
CA ARG E 46 -18.23 -1.99 -1.74
C ARG E 46 -19.72 -2.32 -1.83
N GLY E 47 -20.55 -1.66 -1.04
CA GLY E 47 -21.97 -1.89 -1.16
C GLY E 47 -22.83 -1.02 -0.29
N HIS E 48 -24.12 -0.94 -0.63
CA HIS E 48 -25.08 -0.18 0.16
C HIS E 48 -25.91 -1.12 1.01
N ILE E 49 -26.17 -0.71 2.24
CA ILE E 49 -26.98 -1.50 3.13
C ILE E 49 -28.33 -0.82 3.38
N GLU E 50 -29.41 -1.56 3.10
CA GLU E 50 -30.80 -1.08 3.25
C GLU E 50 -31.55 -2.07 4.13
N GLY E 51 -32.34 -1.58 5.06
CA GLY E 51 -32.76 -2.41 6.19
C GLY E 51 -31.45 -2.85 6.81
N GLY E 52 -31.32 -4.14 7.08
CA GLY E 52 -30.07 -4.65 7.62
C GLY E 52 -29.52 -5.62 6.61
N ARG E 53 -29.69 -5.29 5.34
CA ARG E 53 -29.26 -6.16 4.23
C ARG E 53 -28.63 -5.40 3.06
N VAL E 54 -27.71 -6.06 2.36
CA VAL E 54 -27.08 -5.48 1.20
C VAL E 54 -28.11 -5.36 0.11
N ASN E 55 -28.34 -4.16 -0.40
CA ASN E 55 -29.20 -3.98 -1.58
C ASN E 55 -28.49 -3.58 -2.89
N HIS E 56 -27.22 -3.20 -2.81
CA HIS E 56 -26.39 -2.99 -3.98
C HIS E 56 -24.97 -3.44 -3.73
N TRP E 57 -24.48 -4.33 -4.57
CA TRP E 57 -23.05 -4.66 -4.62
C TRP E 57 -22.38 -3.73 -5.63
N GLN E 58 -21.31 -3.09 -5.19
CA GLN E 58 -20.64 -2.10 -6.01
C GLN E 58 -19.19 -2.53 -6.19
N VAL E 59 -18.87 -3.00 -7.38
CA VAL E 59 -17.52 -3.45 -7.64
C VAL E 59 -16.87 -2.46 -8.57
N THR E 60 -15.72 -1.94 -8.16
CA THR E 60 -15.02 -1.05 -9.02
C THR E 60 -13.88 -1.73 -9.71
N VAL E 61 -13.68 -1.38 -10.95
CA VAL E 61 -12.98 -2.25 -11.84
C VAL E 61 -12.20 -1.42 -12.81
N LYS E 62 -11.04 -1.90 -13.17
CA LYS E 62 -10.25 -1.23 -14.18
C LYS E 62 -10.31 -2.03 -15.48
N VAL E 63 -10.69 -1.39 -16.57
CA VAL E 63 -10.85 -2.10 -17.83
C VAL E 63 -9.83 -1.57 -18.80
N GLY E 64 -9.07 -2.48 -19.39
CA GLY E 64 -8.05 -2.11 -20.36
C GLY E 64 -8.50 -2.44 -21.77
N PHE E 65 -8.34 -1.47 -22.64
CA PHE E 65 -8.78 -1.65 -24.01
C PHE E 65 -7.81 -1.01 -25.01
N THR E 66 -7.73 -1.61 -26.20
CA THR E 66 -6.82 -1.13 -27.24
C THR E 66 -7.34 0.16 -27.88
N LEU E 67 -6.49 1.18 -27.86
CA LEU E 67 -6.66 2.38 -28.67
C LEU E 67 -6.10 2.09 -30.06
N GLU E 68 -6.91 2.37 -31.09
CA GLU E 68 -6.41 2.31 -32.48
C GLU E 68 -6.54 3.71 -33.06
N GLY E 69 -7.57 4.11 -33.62
N ASP F 3 -28.70 -2.90 -11.96
CA ASP F 3 -28.94 -1.47 -12.42
C ASP F 3 -27.66 -0.66 -12.83
N HIS F 4 -27.26 0.30 -11.99
CA HIS F 4 -26.37 1.42 -12.43
C HIS F 4 -24.84 1.18 -12.68
N VAL F 5 -24.25 2.02 -13.54
CA VAL F 5 -22.82 1.95 -13.83
C VAL F 5 -22.18 3.32 -13.66
N TYR F 6 -21.02 3.37 -12.99
CA TYR F 6 -20.37 4.65 -12.74
C TYR F 6 -18.99 4.72 -13.39
N LYS F 7 -18.59 5.92 -13.78
CA LYS F 7 -17.24 6.15 -14.22
C LYS F 7 -16.50 7.00 -13.17
N ILE F 8 -15.22 6.69 -12.99
CA ILE F 8 -14.40 7.38 -12.04
C ILE F 8 -13.27 8.04 -12.81
N VAL F 9 -13.25 9.35 -12.84
CA VAL F 9 -12.10 10.05 -13.39
C VAL F 9 -11.18 10.66 -12.31
N GLU F 10 -9.90 10.74 -12.62
CA GLU F 10 -8.93 11.32 -11.75
C GLU F 10 -8.63 12.72 -12.24
N LEU F 11 -8.82 13.70 -11.37
CA LEU F 11 -8.52 15.07 -11.69
C LEU F 11 -7.71 15.64 -10.58
N THR F 12 -6.92 16.65 -10.88
CA THR F 12 -6.24 17.37 -9.82
C THR F 12 -6.56 18.85 -9.90
N GLY F 13 -7.14 19.36 -8.84
CA GLY F 13 -7.50 20.74 -8.78
C GLY F 13 -6.43 21.54 -8.09
N SER F 14 -6.36 22.82 -8.46
CA SER F 14 -5.29 23.72 -8.00
C SER F 14 -5.91 24.94 -7.35
N SER F 15 -5.25 25.50 -6.34
CA SER F 15 -5.69 26.75 -5.76
C SER F 15 -4.56 27.32 -4.97
N PRO F 16 -4.38 28.65 -5.03
CA PRO F 16 -3.41 29.30 -4.17
C PRO F 16 -3.92 29.43 -2.73
N ASN F 17 -5.15 29.01 -2.46
CA ASN F 17 -5.75 29.20 -1.12
C ASN F 17 -5.82 28.03 -0.18
N GLY F 18 -5.91 26.81 -0.69
CA GLY F 18 -5.93 25.68 0.19
C GLY F 18 -6.61 24.45 -0.38
N ILE F 19 -6.83 23.48 0.50
CA ILE F 19 -7.22 22.17 0.08
C ILE F 19 -8.65 22.14 -0.42
N GLU F 20 -9.60 22.61 0.39
CA GLU F 20 -11.00 22.64 0.01
C GLU F 20 -11.25 23.39 -1.30
N GLU F 21 -10.52 24.49 -1.50
CA GLU F 21 -10.68 25.33 -2.67
C GLU F 21 -10.17 24.60 -3.90
N ALA F 22 -9.01 24.00 -3.78
CA ALA F 22 -8.47 23.11 -4.82
C ALA F 22 -9.44 22.00 -5.25
N VAL F 23 -10.07 21.29 -4.32
CA VAL F 23 -11.01 20.24 -4.77
C VAL F 23 -12.27 20.80 -5.38
N ASN F 24 -12.79 21.87 -4.79
CA ASN F 24 -13.94 22.56 -5.40
C ASN F 24 -13.70 23.02 -6.86
N ASN F 25 -12.52 23.58 -7.13
CA ASN F 25 -12.18 23.91 -8.49
C ASN F 25 -12.24 22.69 -9.39
N ALA F 26 -11.70 21.57 -8.92
CA ALA F 26 -11.68 20.34 -9.72
C ALA F 26 -13.10 19.86 -9.97
N ILE F 27 -13.93 19.91 -8.96
CA ILE F 27 -15.32 19.48 -9.09
C ILE F 27 -16.18 20.43 -9.93
N ALA F 28 -15.95 21.74 -9.80
CA ALA F 28 -16.56 22.71 -10.71
C ALA F 28 -16.20 22.38 -12.16
N ARG F 29 -14.91 22.25 -12.50
CA ARG F 29 -14.51 21.95 -13.88
C ARG F 29 -15.03 20.63 -14.44
N ALA F 30 -15.25 19.66 -13.56
CA ALA F 30 -15.85 18.38 -13.93
C ALA F 30 -17.34 18.54 -14.22
N GLY F 31 -18.02 19.36 -13.42
CA GLY F 31 -19.44 19.65 -13.58
C GLY F 31 -19.80 20.30 -14.90
N GLU F 32 -18.94 21.19 -15.40
CA GLU F 32 -19.13 21.82 -16.70
C GLU F 32 -19.27 20.78 -17.83
N THR F 33 -18.42 19.75 -17.79
CA THR F 33 -18.32 18.82 -18.90
C THR F 33 -19.00 17.46 -18.66
N LEU F 34 -19.04 17.00 -17.42
CA LEU F 34 -19.69 15.72 -17.09
C LEU F 34 -21.03 16.00 -16.41
N ARG F 35 -21.79 14.92 -16.21
CA ARG F 35 -23.13 15.00 -15.64
C ARG F 35 -23.37 13.89 -14.63
N HIS F 36 -24.14 14.22 -13.59
CA HIS F 36 -24.49 13.24 -12.56
C HIS F 36 -23.30 12.88 -11.66
N LEU F 37 -22.60 13.93 -11.21
CA LEU F 37 -21.51 13.78 -10.26
C LEU F 37 -22.07 13.31 -8.93
N ARG F 38 -21.61 12.17 -8.42
CA ARG F 38 -22.17 11.62 -7.18
C ARG F 38 -21.23 11.77 -5.96
N TRP F 39 -20.00 11.26 -6.08
CA TRP F 39 -19.07 11.27 -4.96
C TRP F 39 -17.66 11.49 -5.42
N PHE F 40 -16.79 11.84 -4.47
CA PHE F 40 -15.37 11.95 -4.75
C PHE F 40 -14.56 11.40 -3.61
N GLU F 41 -13.28 11.15 -3.89
CA GLU F 41 -12.30 10.69 -2.95
C GLU F 41 -10.98 11.39 -3.18
N VAL F 42 -10.38 11.93 -2.11
CA VAL F 42 -9.07 12.54 -2.24
C VAL F 42 -8.02 11.46 -2.33
N VAL F 43 -7.22 11.46 -3.40
CA VAL F 43 -6.17 10.49 -3.49
C VAL F 43 -4.81 10.99 -2.98
N ASP F 44 -4.63 12.31 -2.86
CA ASP F 44 -3.27 12.82 -2.80
C ASP F 44 -3.28 14.36 -2.65
N THR F 45 -2.42 14.89 -1.79
CA THR F 45 -2.28 16.35 -1.65
C THR F 45 -0.82 16.70 -1.90
N ARG F 46 -0.60 17.57 -2.86
CA ARG F 46 0.73 18.04 -3.20
C ARG F 46 0.72 19.57 -3.32
N GLY F 47 1.85 20.15 -3.67
CA GLY F 47 1.91 21.60 -3.83
C GLY F 47 3.21 22.09 -4.40
N HIS F 48 3.15 23.31 -4.98
CA HIS F 48 4.33 23.99 -5.49
C HIS F 48 4.82 25.00 -4.46
N ILE F 49 6.13 25.11 -4.33
CA ILE F 49 6.72 26.09 -3.39
C ILE F 49 7.44 27.19 -4.15
N GLU F 50 7.09 28.43 -3.84
CA GLU F 50 7.66 29.62 -4.53
C GLU F 50 8.12 30.58 -3.48
N GLY F 51 9.35 31.06 -3.63
CA GLY F 51 10.03 31.69 -2.52
C GLY F 51 10.23 30.57 -1.53
N GLY F 52 9.83 30.81 -0.29
CA GLY F 52 9.83 29.77 0.74
C GLY F 52 8.42 29.55 1.20
N ARG F 53 7.47 29.66 0.27
CA ARG F 53 6.05 29.53 0.58
C ARG F 53 5.26 28.74 -0.49
N VAL F 54 4.17 28.11 -0.04
CA VAL F 54 3.28 27.38 -0.92
C VAL F 54 2.52 28.39 -1.76
N ASN F 55 2.65 28.28 -3.08
CA ASN F 55 1.88 29.13 -3.99
C ASN F 55 0.78 28.40 -4.73
N HIS F 56 0.85 27.07 -4.79
CA HIS F 56 -0.25 26.26 -5.34
C HIS F 56 -0.48 25.01 -4.52
N TRP F 57 -1.70 24.83 -4.01
CA TRP F 57 -2.14 23.55 -3.44
C TRP F 57 -2.75 22.67 -4.54
N GLN F 58 -2.28 21.44 -4.65
CA GLN F 58 -2.67 20.55 -5.73
C GLN F 58 -3.27 19.28 -5.14
N VAL F 59 -4.57 19.17 -5.23
CA VAL F 59 -5.26 18.04 -4.63
C VAL F 59 -5.79 17.16 -5.73
N THR F 60 -5.32 15.93 -5.80
CA THR F 60 -5.81 15.06 -6.81
C THR F 60 -6.92 14.18 -6.23
N VAL F 61 -7.91 13.95 -7.05
CA VAL F 61 -9.17 13.56 -6.54
C VAL F 61 -9.77 12.57 -7.54
N LYS F 62 -10.51 11.60 -7.04
CA LYS F 62 -11.26 10.74 -7.90
C LYS F 62 -12.75 11.09 -7.83
N VAL F 63 -13.34 11.36 -8.99
CA VAL F 63 -14.75 11.73 -9.01
C VAL F 63 -15.59 10.62 -9.64
N GLY F 64 -16.63 10.21 -8.95
CA GLY F 64 -17.52 9.17 -9.42
C GLY F 64 -18.79 9.78 -9.98
N PHE F 65 -19.19 9.34 -11.17
CA PHE F 65 -20.39 9.87 -11.80
C PHE F 65 -21.16 8.81 -12.58
N THR F 66 -22.49 8.96 -12.60
CA THR F 66 -23.37 8.04 -13.31
C THR F 66 -23.31 8.17 -14.83
N LEU F 67 -23.07 7.02 -15.45
CA LEU F 67 -23.16 6.90 -16.89
C LEU F 67 -24.62 6.53 -17.18
N GLU F 68 -25.26 7.29 -18.06
CA GLU F 68 -26.58 6.89 -18.54
C GLU F 68 -26.51 6.62 -20.04
N GLY F 69 -26.65 7.50 -20.89
N ASP G 3 20.88 16.77 -16.12
CA ASP G 3 20.54 18.00 -15.35
C ASP G 3 20.50 17.77 -13.80
N HIS G 4 19.52 18.38 -13.15
CA HIS G 4 19.43 18.47 -11.67
C HIS G 4 19.19 17.15 -10.84
N VAL G 5 19.66 17.20 -9.58
CA VAL G 5 19.43 16.20 -8.55
C VAL G 5 18.72 16.87 -7.37
N TYR G 6 17.73 16.18 -6.79
CA TYR G 6 16.93 16.73 -5.69
C TYR G 6 16.96 15.83 -4.47
N LYS G 7 16.83 16.43 -3.29
CA LYS G 7 16.75 15.67 -2.07
C LYS G 7 15.35 15.87 -1.54
N ILE G 8 14.82 14.83 -0.92
CA ILE G 8 13.48 14.87 -0.37
C ILE G 8 13.62 14.62 1.13
N VAL G 9 13.23 15.59 1.94
CA VAL G 9 13.25 15.39 3.39
C VAL G 9 11.83 15.33 3.91
N GLU G 10 11.67 14.60 4.99
CA GLU G 10 10.39 14.37 5.59
C GLU G 10 10.33 15.19 6.87
N LEU G 11 9.34 16.08 6.93
CA LEU G 11 9.13 16.96 8.07
C LEU G 11 7.68 16.90 8.45
N THR G 12 7.44 17.09 9.74
CA THR G 12 6.08 17.23 10.16
C THR G 12 5.86 18.58 10.83
N GLY G 13 4.95 19.38 10.29
CA GLY G 13 4.62 20.67 10.82
C GLY G 13 3.44 20.61 11.75
N SER G 14 3.38 21.56 12.67
CA SER G 14 2.41 21.59 13.75
C SER G 14 1.71 22.93 13.74
N SER G 15 0.45 22.94 14.16
CA SER G 15 -0.31 24.17 14.28
C SER G 15 -1.57 23.87 15.07
N PRO G 16 -1.94 24.79 15.97
CA PRO G 16 -3.21 24.67 16.67
C PRO G 16 -4.40 25.04 15.79
N ASN G 17 -4.12 25.53 14.58
CA ASN G 17 -5.17 26.06 13.72
C ASN G 17 -5.71 25.21 12.57
N GLY G 18 -4.85 24.40 11.94
CA GLY G 18 -5.33 23.47 10.92
C GLY G 18 -4.28 22.96 9.97
N ILE G 19 -4.75 22.37 8.89
CA ILE G 19 -3.87 21.63 8.01
C ILE G 19 -2.93 22.52 7.24
N GLU G 20 -3.48 23.52 6.54
CA GLU G 20 -2.64 24.42 5.73
C GLU G 20 -1.58 25.18 6.55
N GLU G 21 -1.94 25.53 7.79
CA GLU G 21 -1.07 26.28 8.71
C GLU G 21 0.07 25.39 9.16
N ALA G 22 -0.27 24.15 9.52
CA ALA G 22 0.74 23.13 9.83
C ALA G 22 1.76 22.91 8.71
N VAL G 23 1.31 22.83 7.46
CA VAL G 23 2.29 22.61 6.40
C VAL G 23 3.14 23.80 6.11
N ASN G 24 2.52 24.97 6.19
CA ASN G 24 3.24 26.24 6.04
C ASN G 24 4.33 26.42 7.06
N ASN G 25 4.05 26.08 8.31
CA ASN G 25 5.06 26.09 9.33
C ASN G 25 6.24 25.22 8.93
N ALA G 26 5.95 23.99 8.52
CA ALA G 26 7.00 23.05 8.13
C ALA G 26 7.84 23.66 6.99
N ILE G 27 7.17 24.28 6.02
CA ILE G 27 7.85 24.80 4.85
C ILE G 27 8.65 26.07 5.16
N ALA G 28 8.08 26.94 6.01
CA ALA G 28 8.84 28.04 6.59
C ALA G 28 10.15 27.55 7.25
N ARG G 29 10.07 26.65 8.23
CA ARG G 29 11.29 26.13 8.88
C ARG G 29 12.30 25.44 7.95
N ALA G 30 11.80 24.88 6.86
CA ALA G 30 12.69 24.26 5.90
C ALA G 30 13.43 25.33 5.12
N GLY G 31 12.73 26.42 4.82
CA GLY G 31 13.26 27.54 4.04
C GLY G 31 14.37 28.31 4.75
N GLU G 32 14.31 28.35 6.08
CA GLU G 32 15.37 28.97 6.85
C GLU G 32 16.68 28.24 6.61
N THR G 33 16.62 26.92 6.62
CA THR G 33 17.85 26.10 6.60
C THR G 33 18.24 25.51 5.26
N LEU G 34 17.27 25.14 4.43
CA LEU G 34 17.57 24.62 3.09
C LEU G 34 17.30 25.69 2.02
N ARG G 35 17.65 25.38 0.79
CA ARG G 35 17.58 26.34 -0.29
C ARG G 35 17.05 25.66 -1.54
N HIS G 36 16.29 26.41 -2.35
CA HIS G 36 15.73 25.91 -3.60
C HIS G 36 14.64 24.88 -3.36
N LEU G 37 13.70 25.21 -2.46
CA LEU G 37 12.54 24.38 -2.24
C LEU G 37 11.64 24.41 -3.48
N ARG G 38 11.34 23.25 -4.04
CA ARG G 38 10.57 23.17 -5.28
C ARG G 38 9.14 22.66 -5.12
N TRP G 39 8.97 21.49 -4.52
CA TRP G 39 7.63 20.93 -4.36
C TRP G 39 7.51 20.20 -3.05
N PHE G 40 6.28 19.96 -2.62
CA PHE G 40 6.04 19.11 -1.48
C PHE G 40 4.90 18.12 -1.73
N GLU G 41 4.84 17.10 -0.88
CA GLU G 41 3.73 16.14 -0.87
C GLU G 41 3.32 15.81 0.54
N VAL G 42 2.03 15.84 0.84
CA VAL G 42 1.52 15.46 2.16
C VAL G 42 1.51 13.96 2.31
N VAL G 43 2.21 13.43 3.28
CA VAL G 43 2.19 11.99 3.44
C VAL G 43 1.14 11.55 4.44
N ASP G 44 0.65 12.43 5.31
CA ASP G 44 0.01 11.95 6.52
C ASP G 44 -0.51 13.12 7.37
N THR G 45 -1.73 13.04 7.87
CA THR G 45 -2.30 14.02 8.75
C THR G 45 -2.66 13.36 10.07
N ARG G 46 -2.13 13.91 11.15
CA ARG G 46 -2.33 13.35 12.51
C ARG G 46 -2.69 14.50 13.48
N GLY G 47 -2.93 14.18 14.74
CA GLY G 47 -3.12 15.24 15.71
C GLY G 47 -3.19 14.78 17.14
N HIS G 48 -3.04 15.74 18.05
CA HIS G 48 -3.14 15.49 19.46
C HIS G 48 -4.49 15.97 19.93
N ILE G 49 -5.11 15.21 20.82
CA ILE G 49 -6.39 15.59 21.41
C ILE G 49 -6.24 15.93 22.89
N GLU G 50 -6.69 17.14 23.25
CA GLU G 50 -6.62 17.65 24.63
C GLU G 50 -8.01 18.09 25.05
N GLY G 51 -8.40 17.72 26.26
CA GLY G 51 -9.79 17.73 26.61
C GLY G 51 -10.40 16.78 25.61
N GLY G 52 -11.49 17.19 24.97
CA GLY G 52 -12.08 16.37 23.92
C GLY G 52 -11.99 17.14 22.61
N ARG G 53 -10.91 17.87 22.47
CA ARG G 53 -10.70 18.69 21.26
C ARG G 53 -9.28 18.56 20.70
N VAL G 54 -9.14 18.80 19.40
CA VAL G 54 -7.84 18.80 18.75
C VAL G 54 -7.06 20.03 19.21
N ASN G 55 -5.89 19.83 19.83
CA ASN G 55 -5.06 21.00 20.16
C ASN G 55 -3.81 21.16 19.30
N HIS G 56 -3.44 20.11 18.57
CA HIS G 56 -2.37 20.18 17.57
C HIS G 56 -2.70 19.40 16.30
N TRP G 57 -2.67 20.07 15.16
CA TRP G 57 -2.69 19.39 13.87
C TRP G 57 -1.25 19.09 13.43
N GLN G 58 -0.96 17.84 13.11
CA GLN G 58 0.38 17.42 12.74
C GLN G 58 0.35 16.86 11.35
N VAL G 59 0.89 17.62 10.41
CA VAL G 59 0.88 17.20 9.03
C VAL G 59 2.29 16.86 8.62
N THR G 60 2.51 15.61 8.24
CA THR G 60 3.80 15.24 7.78
C THR G 60 3.90 15.27 6.26
N VAL G 61 5.05 15.74 5.80
CA VAL G 61 5.15 16.28 4.46
C VAL G 61 6.51 15.92 3.91
N LYS G 62 6.58 15.70 2.62
CA LYS G 62 7.87 15.50 2.01
C LYS G 62 8.15 16.70 1.14
N VAL G 63 9.33 17.25 1.28
CA VAL G 63 9.69 18.48 0.59
C VAL G 63 10.86 18.17 -0.29
N GLY G 64 10.73 18.55 -1.55
CA GLY G 64 11.77 18.31 -2.56
C GLY G 64 12.50 19.59 -2.86
N PHE G 65 13.82 19.52 -2.89
CA PHE G 65 14.60 20.72 -3.13
C PHE G 65 15.84 20.39 -3.91
N THR G 66 16.26 21.33 -4.74
CA THR G 66 17.45 21.16 -5.59
C THR G 66 18.75 21.21 -4.78
N LEU G 67 19.57 20.20 -5.00
CA LEU G 67 20.93 20.17 -4.53
C LEU G 67 21.75 20.82 -5.63
N GLU G 68 22.54 21.82 -5.26
CA GLU G 68 23.55 22.36 -6.16
C GLU G 68 24.95 22.10 -5.62
N GLY G 69 25.49 22.89 -4.83
N ASP H 3 3.59 26.83 16.47
CA ASP H 3 4.47 26.03 17.35
C ASP H 3 5.38 25.07 16.54
N HIS H 4 5.71 23.93 17.15
CA HIS H 4 6.83 23.06 16.77
C HIS H 4 6.84 22.45 15.38
N VAL H 5 8.04 22.08 14.93
CA VAL H 5 8.27 21.43 13.64
C VAL H 5 9.23 20.27 13.89
N TYR H 6 8.96 19.11 13.27
CA TYR H 6 9.78 17.93 13.46
C TYR H 6 10.39 17.49 12.16
N LYS H 7 11.50 16.77 12.23
CA LYS H 7 12.12 16.18 11.08
C LYS H 7 12.11 14.71 11.34
N ILE H 8 11.89 13.95 10.28
CA ILE H 8 11.88 12.52 10.38
C ILE H 8 13.00 12.04 9.52
N VAL H 9 13.93 11.30 10.11
CA VAL H 9 14.99 10.65 9.30
C VAL H 9 14.83 9.15 9.31
N GLU H 10 15.26 8.52 8.24
CA GLU H 10 15.16 7.08 8.10
C GLU H 10 16.54 6.46 8.34
N LEU H 11 16.62 5.58 9.32
CA LEU H 11 17.87 4.89 9.65
C LEU H 11 17.59 3.44 9.72
N THR H 12 18.62 2.65 9.46
CA THR H 12 18.48 1.25 9.67
C THR H 12 19.58 0.79 10.60
N GLY H 13 19.15 0.29 11.75
CA GLY H 13 20.07 -0.26 12.71
C GLY H 13 20.31 -1.76 12.52
N SER H 14 21.52 -2.17 12.91
CA SER H 14 21.96 -3.54 12.77
C SER H 14 22.28 -4.18 14.12
N SER H 15 22.10 -5.48 14.24
CA SER H 15 22.52 -6.20 15.40
C SER H 15 22.56 -7.67 15.08
N PRO H 16 23.57 -8.40 15.61
CA PRO H 16 23.57 -9.86 15.50
C PRO H 16 22.59 -10.54 16.44
N ASN H 17 21.93 -9.77 17.29
CA ASN H 17 21.11 -10.33 18.37
C ASN H 17 19.61 -10.30 18.19
N GLY H 18 19.09 -9.29 17.51
CA GLY H 18 17.66 -9.21 17.27
C GLY H 18 17.09 -7.83 17.08
N ILE H 19 15.76 -7.80 16.97
CA ILE H 19 15.05 -6.64 16.52
C ILE H 19 15.21 -5.46 17.47
N GLU H 20 14.92 -5.64 18.75
CA GLU H 20 14.99 -4.52 19.70
C GLU H 20 16.40 -3.96 19.79
N GLU H 21 17.40 -4.83 19.71
CA GLU H 21 18.80 -4.40 19.79
C GLU H 21 19.14 -3.56 18.56
N ALA H 22 18.71 -4.04 17.40
CA ALA H 22 18.88 -3.29 16.14
C ALA H 22 18.30 -1.86 16.22
N VAL H 23 17.05 -1.71 16.69
CA VAL H 23 16.51 -0.37 16.74
C VAL H 23 17.19 0.49 17.78
N ASN H 24 17.49 -0.08 18.93
CA ASN H 24 18.30 0.66 19.93
C ASN H 24 19.62 1.19 19.41
N ASN H 25 20.33 0.37 18.62
CA ASN H 25 21.59 0.83 18.02
C ASN H 25 21.34 2.01 17.12
N ALA H 26 20.25 1.95 16.34
CA ALA H 26 19.90 3.05 15.46
C ALA H 26 19.61 4.32 16.25
N ILE H 27 18.84 4.17 17.32
CA ILE H 27 18.46 5.30 18.16
C ILE H 27 19.63 5.88 18.97
N ALA H 28 20.51 5.01 19.44
CA ALA H 28 21.75 5.44 20.04
C ALA H 28 22.55 6.31 19.06
N ARG H 29 22.84 5.77 17.86
CA ARG H 29 23.62 6.55 16.88
C ARG H 29 22.97 7.88 16.46
N ALA H 30 21.64 7.94 16.52
CA ALA H 30 20.92 9.15 16.19
C ALA H 30 21.07 10.17 17.31
N GLY H 31 21.02 9.68 18.55
CA GLY H 31 21.16 10.48 19.76
C GLY H 31 22.51 11.18 19.93
N GLU H 32 23.57 10.56 19.41
CA GLU H 32 24.89 11.18 19.42
C GLU H 32 24.90 12.45 18.61
N THR H 33 24.29 12.41 17.43
CA THR H 33 24.36 13.52 16.47
C THR H 33 23.15 14.45 16.48
N LEU H 34 21.95 13.93 16.72
CA LEU H 34 20.74 14.76 16.70
C LEU H 34 20.27 14.99 18.13
N ARG H 35 19.30 15.88 18.30
CA ARG H 35 18.82 16.30 19.62
C ARG H 35 17.27 16.37 19.64
N HIS H 36 16.70 16.07 20.81
CA HIS H 36 15.25 16.09 21.00
C HIS H 36 14.54 15.00 20.22
N LEU H 37 15.06 13.77 20.34
CA LEU H 37 14.44 12.59 19.76
C LEU H 37 13.12 12.37 20.48
N ARG H 38 12.00 12.31 19.72
CA ARG H 38 10.69 12.17 20.34
C ARG H 38 10.02 10.83 20.14
N TRP H 39 9.93 10.35 18.91
CA TRP H 39 9.26 9.07 18.64
C TRP H 39 9.92 8.38 17.46
N PHE H 40 9.68 7.09 17.35
CA PHE H 40 10.08 6.34 16.17
C PHE H 40 8.97 5.46 15.65
N GLU H 41 9.15 4.96 14.43
CA GLU H 41 8.26 3.98 13.82
C GLU H 41 9.08 2.97 13.05
N VAL H 42 8.78 1.69 13.23
CA VAL H 42 9.47 0.65 12.46
C VAL H 42 8.89 0.58 11.04
N VAL H 43 9.71 0.82 10.04
CA VAL H 43 9.22 0.66 8.69
C VAL H 43 9.40 -0.74 8.11
N ASP H 44 10.33 -1.54 8.60
CA ASP H 44 10.77 -2.67 7.82
C ASP H 44 11.79 -3.49 8.62
N THR H 45 11.69 -4.83 8.57
CA THR H 45 12.66 -5.73 9.20
C THR H 45 13.26 -6.67 8.19
N ARG H 46 14.58 -6.66 8.08
CA ARG H 46 15.28 -7.44 7.05
C ARG H 46 16.45 -8.17 7.75
N GLY H 47 17.22 -8.94 6.99
CA GLY H 47 18.41 -9.49 7.58
C GLY H 47 19.32 -10.19 6.61
N HIS H 48 20.58 -10.37 7.02
CA HIS H 48 21.54 -11.11 6.24
C HIS H 48 21.64 -12.55 6.74
N ILE H 49 21.71 -13.51 5.81
CA ILE H 49 21.89 -14.91 6.16
C ILE H 49 23.32 -15.40 5.84
N GLU H 50 24.01 -15.91 6.86
CA GLU H 50 25.37 -16.47 6.74
C GLU H 50 25.39 -17.91 7.28
N GLY H 51 26.04 -18.81 6.53
CA GLY H 51 25.76 -20.25 6.70
C GLY H 51 24.28 -20.37 6.40
N GLY H 52 23.55 -21.07 7.24
CA GLY H 52 22.10 -21.18 7.10
C GLY H 52 21.45 -20.50 8.28
N ARG H 53 22.05 -19.39 8.72
CA ARG H 53 21.58 -18.68 9.90
C ARG H 53 21.62 -17.16 9.75
N VAL H 54 20.74 -16.47 10.47
CA VAL H 54 20.74 -15.02 10.47
C VAL H 54 21.98 -14.53 11.19
N ASN H 55 22.80 -13.69 10.56
CA ASN H 55 23.93 -13.09 11.26
C ASN H 55 23.81 -11.58 11.46
N HIS H 56 22.87 -10.95 10.77
CA HIS H 56 22.56 -9.54 11.02
C HIS H 56 21.05 -9.29 10.94
N TRP H 57 20.50 -8.64 11.97
CA TRP H 57 19.12 -8.20 11.93
C TRP H 57 19.15 -6.75 11.54
N GLN H 58 18.37 -6.40 10.52
CA GLN H 58 18.40 -5.05 9.99
C GLN H 58 17.02 -4.47 10.09
N VAL H 59 16.83 -3.59 11.04
CA VAL H 59 15.54 -2.98 11.20
C VAL H 59 15.62 -1.55 10.77
N THR H 60 14.77 -1.17 9.83
CA THR H 60 14.79 0.21 9.39
C THR H 60 13.64 0.95 10.05
N VAL H 61 13.89 2.20 10.41
CA VAL H 61 13.13 2.84 11.41
C VAL H 61 13.06 4.31 11.03
N LYS H 62 11.93 4.95 11.34
CA LYS H 62 11.85 6.36 11.13
C LYS H 62 11.86 7.05 12.47
N VAL H 63 12.72 8.04 12.62
CA VAL H 63 12.88 8.71 13.92
C VAL H 63 12.47 10.14 13.78
N GLY H 64 11.53 10.54 14.63
CA GLY H 64 11.07 11.95 14.65
C GLY H 64 11.71 12.74 15.78
N PHE H 65 12.13 13.95 15.46
CA PHE H 65 12.83 14.78 16.42
C PHE H 65 12.57 16.25 16.16
N THR H 66 12.54 17.01 17.26
CA THR H 66 12.18 18.42 17.19
C THR H 66 13.33 19.21 16.61
N LEU H 67 13.00 20.06 15.65
CA LEU H 67 13.90 21.08 15.15
C LEU H 67 13.63 22.32 15.98
N GLU H 68 14.69 22.92 16.52
CA GLU H 68 14.58 24.22 17.18
C GLU H 68 15.42 25.23 16.42
N GLY H 69 16.63 25.33 16.63
N ASP I 3 26.30 -4.10 15.49
CA ASP I 3 27.40 -3.36 14.88
C ASP I 3 26.92 -2.03 14.31
N HIS I 4 27.19 -2.02 12.95
CA HIS I 4 26.82 -0.99 11.95
C HIS I 4 25.33 -0.49 11.88
N VAL I 5 25.23 0.82 11.65
CA VAL I 5 24.01 1.57 11.49
C VAL I 5 24.05 2.32 10.14
N TYR I 6 22.92 2.29 9.43
CA TYR I 6 22.81 2.95 8.11
C TYR I 6 21.79 4.08 8.04
N LYS I 7 22.06 5.05 7.19
CA LYS I 7 21.13 6.13 6.97
C LYS I 7 20.62 5.99 5.55
N ILE I 8 19.32 6.22 5.39
CA ILE I 8 18.67 6.15 4.09
C ILE I 8 18.23 7.54 3.73
N VAL I 9 18.77 8.12 2.68
CA VAL I 9 18.23 9.41 2.18
C VAL I 9 17.50 9.20 0.87
N GLU I 10 16.55 10.08 0.63
CA GLU I 10 15.72 10.00 -0.55
C GLU I 10 16.14 11.08 -1.49
N LEU I 11 16.53 10.69 -2.69
CA LEU I 11 16.95 11.64 -3.70
C LEU I 11 16.24 11.32 -4.98
N THR I 12 16.04 12.35 -5.79
CA THR I 12 15.52 12.10 -7.09
C THR I 12 16.49 12.63 -8.15
N GLY I 13 16.97 11.70 -8.97
CA GLY I 13 17.85 12.05 -10.09
C GLY I 13 17.11 12.37 -11.38
N SER I 14 17.73 13.20 -12.20
CA SER I 14 17.14 13.68 -13.43
C SER I 14 18.06 13.35 -14.58
N SER I 15 17.47 13.08 -15.75
CA SER I 15 18.24 12.91 -16.97
C SER I 15 17.32 13.01 -18.18
N PRO I 16 17.77 13.67 -19.25
CA PRO I 16 16.98 13.71 -20.45
C PRO I 16 17.06 12.39 -21.23
N ASN I 17 17.83 11.45 -20.74
CA ASN I 17 18.08 10.22 -21.49
C ASN I 17 17.36 8.97 -21.03
N GLY I 18 17.06 8.86 -19.75
CA GLY I 18 16.31 7.69 -19.28
C GLY I 18 16.53 7.29 -17.84
N ILE I 19 16.07 6.08 -17.51
CA ILE I 19 15.94 5.71 -16.12
C ILE I 19 17.30 5.46 -15.46
N GLU I 20 18.10 4.59 -16.08
CA GLU I 20 19.42 4.28 -15.52
C GLU I 20 20.31 5.53 -15.36
N GLU I 21 20.26 6.43 -16.32
CA GLU I 21 21.08 7.62 -16.27
C GLU I 21 20.61 8.50 -15.12
N ALA I 22 19.29 8.62 -14.96
CA ALA I 22 18.73 9.41 -13.89
C ALA I 22 19.21 8.92 -12.55
N VAL I 23 19.15 7.61 -12.30
CA VAL I 23 19.60 7.09 -11.01
C VAL I 23 21.12 7.23 -10.83
N ASN I 24 21.87 7.02 -11.90
CA ASN I 24 23.30 7.25 -11.82
C ASN I 24 23.66 8.67 -11.42
N ASN I 25 22.96 9.65 -11.99
CA ASN I 25 23.17 11.02 -11.60
C ASN I 25 22.90 11.26 -10.12
N ALA I 26 21.82 10.67 -9.61
CA ALA I 26 21.49 10.78 -8.19
C ALA I 26 22.59 10.19 -7.31
N ILE I 27 23.09 9.03 -7.71
CA ILE I 27 24.12 8.31 -6.95
C ILE I 27 25.51 8.97 -7.05
N ALA I 28 25.83 9.51 -8.23
CA ALA I 28 27.01 10.36 -8.36
C ALA I 28 26.95 11.55 -7.41
N ARG I 29 25.86 12.31 -7.40
CA ARG I 29 25.75 13.48 -6.52
C ARG I 29 25.76 13.13 -5.05
N ALA I 30 25.29 11.93 -4.72
CA ALA I 30 25.35 11.45 -3.32
C ALA I 30 26.78 11.06 -2.94
N GLY I 31 27.50 10.48 -3.89
CA GLY I 31 28.89 10.04 -3.70
C GLY I 31 29.86 11.20 -3.45
N GLU I 32 29.56 12.36 -4.03
CA GLU I 32 30.36 13.57 -3.77
C GLU I 32 30.32 13.96 -2.29
N THR I 33 29.11 13.92 -1.71
CA THR I 33 28.92 14.47 -0.38
C THR I 33 28.85 13.43 0.75
N LEU I 34 28.37 12.23 0.44
CA LEU I 34 28.28 11.15 1.45
C LEU I 34 29.36 10.10 1.20
N ARG I 35 29.47 9.15 2.13
CA ARG I 35 30.53 8.15 2.08
C ARG I 35 29.99 6.79 2.47
N HIS I 36 30.52 5.75 1.84
CA HIS I 36 30.11 4.38 2.13
C HIS I 36 28.70 4.06 1.63
N LEU I 37 28.43 4.43 0.39
CA LEU I 37 27.16 4.12 -0.24
C LEU I 37 27.09 2.62 -0.44
N ARG I 38 26.05 1.97 0.07
CA ARG I 38 25.96 0.52 -0.03
C ARG I 38 24.87 0.01 -0.98
N TRP I 39 23.66 0.51 -0.86
CA TRP I 39 22.57 0.01 -1.70
C TRP I 39 21.59 1.09 -2.00
N PHE I 40 20.74 0.82 -2.98
CA PHE I 40 19.66 1.72 -3.30
C PHE I 40 18.40 0.95 -3.67
N GLU I 41 17.29 1.65 -3.57
CA GLU I 41 16.02 1.15 -4.03
C GLU I 41 15.30 2.25 -4.77
N VAL I 42 14.71 1.90 -5.92
CA VAL I 42 13.87 2.84 -6.69
C VAL I 42 12.49 2.98 -6.07
N VAL I 43 12.10 4.19 -5.66
CA VAL I 43 10.77 4.35 -5.10
C VAL I 43 9.71 4.74 -6.12
N ASP I 44 10.10 5.22 -7.31
CA ASP I 44 9.18 6.03 -8.07
C ASP I 44 9.81 6.57 -9.38
N THR I 45 9.08 6.48 -10.50
CA THR I 45 9.57 7.01 -11.78
C THR I 45 8.57 8.00 -12.31
N ARG I 46 9.01 9.24 -12.50
CA ARG I 46 8.17 10.29 -12.98
C ARG I 46 8.84 11.01 -14.18
N GLY I 47 8.21 12.05 -14.70
CA GLY I 47 8.88 12.82 -15.73
C GLY I 47 8.17 14.05 -16.17
N HIS I 48 8.89 14.93 -16.86
CA HIS I 48 8.28 16.15 -17.38
C HIS I 48 8.05 15.99 -18.88
N ILE I 49 6.91 16.48 -19.38
CA ILE I 49 6.60 16.39 -20.80
C ILE I 49 6.67 17.78 -21.44
N GLU I 50 7.49 17.90 -22.49
CA GLU I 50 7.68 19.18 -23.19
C GLU I 50 7.46 18.94 -24.67
N GLY I 51 6.68 19.83 -25.31
CA GLY I 51 6.07 19.49 -26.58
C GLY I 51 5.17 18.32 -26.22
N GLY I 52 5.21 17.26 -27.01
CA GLY I 52 4.48 16.04 -26.67
C GLY I 52 5.48 14.95 -26.41
N ARG I 53 6.60 15.30 -25.80
CA ARG I 53 7.68 14.34 -25.56
C ARG I 53 8.29 14.52 -24.16
N VAL I 54 8.79 13.42 -23.61
CA VAL I 54 9.49 13.43 -22.32
C VAL I 54 10.81 14.17 -22.46
N ASN I 55 10.97 15.26 -21.72
CA ASN I 55 12.26 15.94 -21.69
C ASN I 55 13.10 15.75 -20.42
N HIS I 56 12.48 15.26 -19.34
CA HIS I 56 13.22 14.86 -18.13
C HIS I 56 12.64 13.59 -17.53
N TRP I 57 13.46 12.58 -17.37
CA TRP I 57 13.11 11.43 -16.56
C TRP I 57 13.51 11.74 -15.13
N GLN I 58 12.60 11.50 -14.19
CA GLN I 58 12.84 11.79 -12.80
C GLN I 58 12.63 10.51 -12.00
N VAL I 59 13.72 9.93 -11.52
CA VAL I 59 13.63 8.71 -10.76
C VAL I 59 13.98 9.05 -9.32
N THR I 60 13.07 8.74 -8.42
CA THR I 60 13.36 8.96 -7.05
C THR I 60 13.77 7.65 -6.41
N VAL I 61 14.77 7.75 -5.55
CA VAL I 61 15.55 6.61 -5.15
C VAL I 61 15.90 6.75 -3.67
N LYS I 62 15.98 5.62 -2.99
CA LYS I 62 16.43 5.63 -1.60
C LYS I 62 17.81 5.04 -1.53
N VAL I 63 18.76 5.84 -1.03
CA VAL I 63 20.15 5.37 -0.94
C VAL I 63 20.52 5.07 0.51
N GLY I 64 21.01 3.85 0.74
CA GLY I 64 21.49 3.42 2.06
C GLY I 64 23.00 3.52 2.15
N PHE I 65 23.47 4.14 3.22
CA PHE I 65 24.90 4.27 3.41
C PHE I 65 25.29 4.18 4.85
N THR I 66 26.50 3.66 5.11
CA THR I 66 26.99 3.42 6.46
C THR I 66 27.32 4.74 7.11
N LEU I 67 26.84 4.90 8.33
CA LEU I 67 27.29 5.95 9.25
C LEU I 67 28.42 5.35 10.07
N GLU I 68 29.55 6.06 10.14
CA GLU I 68 30.62 5.67 11.03
C GLU I 68 30.84 6.75 12.07
N GLY I 69 31.57 7.72 11.86
N ASP J 3 -11.33 -24.32 -17.53
CA ASP J 3 -9.92 -24.34 -18.05
C ASP J 3 -8.82 -24.09 -16.94
N HIS J 4 -7.77 -23.31 -17.24
CA HIS J 4 -6.36 -23.39 -16.66
C HIS J 4 -5.97 -23.07 -15.20
N VAL J 5 -4.66 -23.14 -14.88
CA VAL J 5 -4.11 -22.79 -13.54
C VAL J 5 -2.63 -22.38 -13.63
N TYR J 6 -2.27 -21.26 -13.00
CA TYR J 6 -0.93 -20.67 -13.21
C TYR J 6 -0.20 -20.58 -11.91
N LYS J 7 1.13 -20.66 -11.99
CA LYS J 7 1.91 -20.49 -10.80
C LYS J 7 2.67 -19.21 -10.99
N ILE J 8 2.83 -18.47 -9.91
CA ILE J 8 3.61 -17.26 -9.98
C ILE J 8 4.80 -17.49 -9.11
N VAL J 9 6.00 -17.33 -9.67
CA VAL J 9 7.22 -17.34 -8.83
C VAL J 9 7.88 -16.01 -8.85
N GLU J 10 8.58 -15.70 -7.78
CA GLU J 10 9.18 -14.41 -7.59
C GLU J 10 10.66 -14.68 -7.77
N LEU J 11 11.28 -14.01 -8.73
CA LEU J 11 12.72 -14.11 -8.92
C LEU J 11 13.33 -12.74 -8.98
N THR J 12 14.60 -12.62 -8.70
CA THR J 12 15.25 -11.37 -8.87
C THR J 12 16.47 -11.55 -9.73
N GLY J 13 16.46 -10.88 -10.89
CA GLY J 13 17.55 -10.95 -11.84
C GLY J 13 18.55 -9.85 -11.61
N SER J 14 19.79 -10.11 -12.00
CA SER J 14 20.90 -9.22 -11.74
C SER J 14 21.59 -8.88 -13.06
N SER J 15 22.18 -7.69 -13.13
CA SER J 15 22.95 -7.29 -14.30
C SER J 15 23.74 -6.05 -13.95
N PRO J 16 25.01 -5.99 -14.41
CA PRO J 16 25.79 -4.76 -14.27
C PRO J 16 25.38 -3.67 -15.29
N ASN J 17 24.44 -4.00 -16.17
CA ASN J 17 24.07 -3.07 -17.27
C ASN J 17 22.81 -2.29 -17.15
N GLY J 18 21.80 -2.82 -16.46
CA GLY J 18 20.55 -2.09 -16.30
C GLY J 18 19.31 -2.96 -16.18
N ILE J 19 18.15 -2.30 -16.22
CA ILE J 19 16.91 -2.88 -15.78
C ILE J 19 16.42 -3.97 -16.72
N GLU J 20 16.32 -3.65 -18.00
CA GLU J 20 15.90 -4.65 -19.00
C GLU J 20 16.80 -5.91 -19.00
N GLU J 21 18.10 -5.70 -18.83
CA GLU J 21 19.04 -6.82 -18.89
C GLU J 21 18.78 -7.72 -17.68
N ALA J 22 18.64 -7.09 -16.51
CA ALA J 22 18.36 -7.80 -15.28
C ALA J 22 17.13 -8.66 -15.40
N VAL J 23 16.04 -8.14 -15.95
CA VAL J 23 14.84 -8.98 -16.00
C VAL J 23 15.01 -10.10 -17.01
N ASN J 24 15.60 -9.78 -18.15
CA ASN J 24 15.89 -10.81 -19.13
C ASN J 24 16.71 -11.97 -18.60
N ASN J 25 17.74 -11.68 -17.81
CA ASN J 25 18.47 -12.74 -17.11
C ASN J 25 17.54 -13.59 -16.23
N ALA J 26 16.63 -12.93 -15.50
CA ALA J 26 15.73 -13.66 -14.61
C ALA J 26 14.80 -14.55 -15.39
N ILE J 27 14.31 -14.03 -16.50
CA ILE J 27 13.44 -14.81 -17.38
C ILE J 27 14.14 -15.93 -18.16
N ALA J 28 15.39 -15.68 -18.56
CA ALA J 28 16.20 -16.73 -19.16
C ALA J 28 16.34 -17.89 -18.18
N ARG J 29 16.87 -17.62 -16.98
CA ARG J 29 17.05 -18.67 -15.95
C ARG J 29 15.77 -19.41 -15.55
N ALA J 30 14.63 -18.75 -15.70
CA ALA J 30 13.34 -19.38 -15.39
C ALA J 30 12.93 -20.32 -16.53
N GLY J 31 13.21 -19.88 -17.77
CA GLY J 31 12.91 -20.66 -18.96
C GLY J 31 13.70 -21.95 -19.10
N GLU J 32 14.92 -21.97 -18.53
CA GLU J 32 15.71 -23.20 -18.43
C GLU J 32 14.98 -24.28 -17.63
N THR J 33 14.46 -23.92 -16.47
CA THR J 33 13.86 -24.89 -15.56
C THR J 33 12.33 -25.00 -15.59
N LEU J 34 11.61 -23.93 -15.93
CA LEU J 34 10.15 -23.96 -16.00
C LEU J 34 9.72 -23.91 -17.45
N ARG J 35 8.42 -24.10 -17.68
CA ARG J 35 7.86 -24.24 -19.02
C ARG J 35 6.55 -23.50 -19.12
N HIS J 36 6.27 -22.95 -20.31
CA HIS J 36 5.04 -22.17 -20.53
C HIS J 36 4.99 -20.84 -19.74
N LEU J 37 6.08 -20.08 -19.82
CA LEU J 37 6.14 -18.75 -19.26
C LEU J 37 5.21 -17.85 -20.05
N ARG J 38 4.25 -17.22 -19.39
CA ARG J 38 3.24 -16.39 -20.06
C ARG J 38 3.40 -14.87 -19.85
N TRP J 39 3.49 -14.45 -18.57
CA TRP J 39 3.65 -13.02 -18.30
C TRP J 39 4.55 -12.79 -17.09
N PHE J 40 5.03 -11.56 -16.96
CA PHE J 40 5.74 -11.14 -15.78
C PHE J 40 5.32 -9.75 -15.32
N GLU J 41 5.68 -9.43 -14.09
CA GLU J 41 5.41 -8.13 -13.51
C GLU J 41 6.60 -7.73 -12.66
N VAL J 42 7.12 -6.53 -12.88
CA VAL J 42 8.20 -6.03 -12.04
C VAL J 42 7.69 -5.62 -10.66
N VAL J 43 8.19 -6.24 -9.61
CA VAL J 43 7.77 -5.85 -8.30
C VAL J 43 8.60 -4.71 -7.70
N ASP J 44 9.84 -4.53 -8.14
CA ASP J 44 10.81 -3.85 -7.31
C ASP J 44 12.18 -3.71 -8.02
N THR J 45 12.80 -2.53 -7.94
CA THR J 45 14.12 -2.32 -8.51
C THR J 45 15.08 -1.82 -7.44
N ARG J 46 16.16 -2.54 -7.25
CA ARG J 46 17.15 -2.24 -6.23
C ARG J 46 18.53 -2.35 -6.87
N GLY J 47 19.57 -2.14 -6.10
CA GLY J 47 20.89 -2.37 -6.61
C GLY J 47 22.00 -2.17 -5.61
N HIS J 48 23.20 -2.67 -5.98
CA HIS J 48 24.38 -2.56 -5.13
C HIS J 48 25.24 -1.41 -5.62
N ILE J 49 25.81 -0.64 -4.69
CA ILE J 49 26.69 0.47 -5.04
C ILE J 49 28.13 0.13 -4.62
N GLU J 50 29.07 0.25 -5.55
CA GLU J 50 30.51 -0.07 -5.34
C GLU J 50 31.30 1.08 -5.84
N GLY J 51 32.29 1.50 -5.09
CA GLY J 51 32.83 2.83 -5.28
C GLY J 51 31.66 3.75 -5.01
N GLY J 52 31.47 4.75 -5.87
CA GLY J 52 30.29 5.62 -5.78
C GLY J 52 29.42 5.38 -6.99
N ARG J 53 29.39 4.13 -7.46
CA ARG J 53 28.66 3.77 -8.67
C ARG J 53 27.86 2.45 -8.56
N VAL J 54 26.74 2.36 -9.27
CA VAL J 54 25.96 1.13 -9.33
C VAL J 54 26.75 0.02 -10.02
N ASN J 55 26.98 -1.09 -9.32
CA ASN J 55 27.63 -2.22 -9.97
C ASN J 55 26.73 -3.41 -10.24
N HIS J 56 25.57 -3.45 -9.60
CA HIS J 56 24.54 -4.45 -9.91
C HIS J 56 23.17 -3.84 -9.85
N TRP J 57 22.37 -4.10 -10.90
CA TRP J 57 20.96 -3.74 -10.94
C TRP J 57 20.20 -4.97 -10.60
N GLN J 58 19.31 -4.87 -9.63
CA GLN J 58 18.61 -6.02 -9.10
C GLN J 58 17.11 -5.78 -9.27
N VAL J 59 16.52 -6.49 -10.20
CA VAL J 59 15.14 -6.28 -10.47
C VAL J 59 14.41 -7.52 -10.04
N THR J 60 13.46 -7.35 -9.12
CA THR J 60 12.71 -8.51 -8.74
C THR J 60 11.38 -8.49 -9.44
N VAL J 61 10.92 -9.67 -9.77
CA VAL J 61 9.95 -9.82 -10.85
C VAL J 61 9.08 -11.01 -10.49
N LYS J 62 7.83 -10.96 -10.89
CA LYS J 62 6.97 -12.09 -10.67
C LYS J 62 6.60 -12.66 -12.01
N VAL J 63 6.88 -13.96 -12.17
CA VAL J 63 6.69 -14.59 -13.49
C VAL J 63 5.58 -15.56 -13.38
N GLY J 64 4.67 -15.49 -14.32
CA GLY J 64 3.51 -16.35 -14.33
C GLY J 64 3.63 -17.39 -15.42
N PHE J 65 3.37 -18.64 -15.06
CA PHE J 65 3.50 -19.71 -16.04
C PHE J 65 2.46 -20.80 -15.84
N THR J 66 2.04 -21.40 -16.96
CA THR J 66 1.00 -22.44 -16.94
C THR J 66 1.51 -23.72 -16.29
N LEU J 67 0.74 -24.22 -15.32
CA LEU J 67 0.91 -25.56 -14.81
C LEU J 67 0.08 -26.49 -15.70
N GLU J 68 0.71 -27.54 -16.22
CA GLU J 68 -0.06 -28.60 -16.88
C GLU J 68 0.06 -29.93 -16.11
N GLY J 69 1.02 -30.72 -16.27
N ASP K 3 25.25 -10.90 -14.01
CA ASP K 3 25.61 -12.22 -13.44
C ASP K 3 24.42 -12.97 -12.84
N HIS K 4 24.27 -12.92 -11.52
CA HIS K 4 23.46 -13.91 -10.76
C HIS K 4 21.91 -13.77 -10.81
N VAL K 5 21.18 -14.83 -10.41
CA VAL K 5 19.72 -14.86 -10.33
C VAL K 5 19.24 -15.53 -9.02
N TYR K 6 18.27 -14.89 -8.34
CA TYR K 6 17.81 -15.29 -7.03
C TYR K 6 16.35 -15.69 -7.05
N LYS K 7 15.98 -16.58 -6.13
CA LYS K 7 14.59 -16.96 -6.01
C LYS K 7 14.19 -16.50 -4.64
N ILE K 8 12.93 -16.05 -4.53
CA ILE K 8 12.41 -15.58 -3.25
C ILE K 8 11.27 -16.47 -2.88
N VAL K 9 11.37 -17.15 -1.74
CA VAL K 9 10.22 -17.95 -1.31
C VAL K 9 9.64 -17.39 -0.05
N GLU K 10 8.33 -17.57 0.11
CA GLU K 10 7.61 -17.05 1.24
C GLU K 10 7.37 -18.20 2.22
N LEU K 11 7.89 -18.05 3.42
CA LEU K 11 7.68 -19.04 4.47
C LEU K 11 7.15 -18.33 5.68
N THR K 12 6.37 -19.06 6.49
CA THR K 12 5.99 -18.53 7.78
C THR K 12 6.44 -19.46 8.93
N GLY K 13 7.39 -18.96 9.72
CA GLY K 13 7.95 -19.68 10.89
C GLY K 13 7.13 -19.51 12.17
N SER K 14 7.09 -20.56 12.98
CA SER K 14 6.26 -20.62 14.19
C SER K 14 7.11 -20.78 15.43
N SER K 15 6.64 -20.25 16.53
CA SER K 15 7.35 -20.38 17.80
C SER K 15 6.50 -19.93 18.95
N PRO K 16 6.45 -20.71 20.03
CA PRO K 16 5.73 -20.27 21.23
C PRO K 16 6.51 -19.20 22.00
N ASN K 17 7.72 -18.87 21.57
CA ASN K 17 8.57 -17.94 22.31
C ASN K 17 8.65 -16.49 21.82
N GLY K 18 8.58 -16.28 20.50
CA GLY K 18 8.60 -14.92 19.99
C GLY K 18 9.07 -14.75 18.56
N ILE K 19 9.30 -13.49 18.19
CA ILE K 19 9.45 -13.15 16.81
C ILE K 19 10.75 -13.71 16.27
N GLU K 20 11.87 -13.36 16.90
CA GLU K 20 13.19 -13.83 16.43
C GLU K 20 13.31 -15.34 16.31
N GLU K 21 12.65 -16.04 17.24
CA GLU K 21 12.68 -17.52 17.26
C GLU K 21 11.90 -18.04 16.09
N ALA K 22 10.73 -17.47 15.87
CA ALA K 22 9.89 -17.87 14.73
C ALA K 22 10.57 -17.70 13.38
N VAL K 23 11.32 -16.61 13.18
CA VAL K 23 11.98 -16.47 11.90
C VAL K 23 13.13 -17.45 11.76
N ASN K 24 13.90 -17.61 12.84
CA ASN K 24 15.02 -18.56 12.90
C ASN K 24 14.57 -19.97 12.54
N ASN K 25 13.41 -20.38 13.06
CA ASN K 25 12.83 -21.65 12.66
C ASN K 25 12.55 -21.70 11.17
N ALA K 26 12.03 -20.62 10.61
CA ALA K 26 11.73 -20.60 9.17
C ALA K 26 13.03 -20.73 8.37
N ILE K 27 14.05 -20.01 8.82
CA ILE K 27 15.30 -20.00 8.11
C ILE K 27 16.08 -21.30 8.26
N ALA K 28 16.03 -21.92 9.44
CA ALA K 28 16.55 -23.27 9.64
C ALA K 28 15.87 -24.25 8.67
N ARG K 29 14.53 -24.31 8.65
CA ARG K 29 13.86 -25.26 7.73
C ARG K 29 14.11 -25.02 6.25
N ALA K 30 14.43 -23.77 5.90
CA ALA K 30 14.76 -23.43 4.52
C ALA K 30 16.16 -23.90 4.19
N GLY K 31 17.08 -23.75 5.16
CA GLY K 31 18.47 -24.16 5.01
C GLY K 31 18.69 -25.66 4.85
N GLU K 32 17.79 -26.46 5.42
CA GLU K 32 17.81 -27.92 5.23
C GLU K 32 17.63 -28.29 3.77
N THR K 33 16.67 -27.64 3.11
CA THR K 33 16.26 -28.00 1.76
C THR K 33 16.81 -27.11 0.62
N LEU K 34 17.07 -25.84 0.91
CA LEU K 34 17.62 -24.92 -0.11
C LEU K 34 19.08 -24.64 0.22
N ARG K 35 19.74 -23.91 -0.67
CA ARG K 35 21.18 -23.66 -0.56
C ARG K 35 21.49 -22.23 -0.99
N HIS K 36 22.49 -21.64 -0.35
CA HIS K 36 22.92 -20.25 -0.65
C HIS K 36 21.89 -19.21 -0.25
N LEU K 37 21.32 -19.36 0.95
CA LEU K 37 20.44 -18.36 1.52
C LEU K 37 21.22 -17.05 1.73
N ARG K 38 20.73 -15.96 1.15
CA ARG K 38 21.44 -14.67 1.23
C ARG K 38 20.79 -13.62 2.14
N TRP K 39 19.50 -13.37 1.97
CA TRP K 39 18.82 -12.36 2.80
C TRP K 39 17.38 -12.75 3.02
N PHE K 40 16.76 -12.09 3.97
CA PHE K 40 15.33 -12.27 4.18
C PHE K 40 14.69 -10.93 4.48
N GLU K 41 13.36 -10.90 4.33
CA GLU K 41 12.52 -9.79 4.72
C GLU K 41 11.25 -10.27 5.45
N VAL K 42 10.91 -9.62 6.55
CA VAL K 42 9.68 -9.93 7.29
C VAL K 42 8.48 -9.32 6.61
N VAL K 43 7.51 -10.11 6.22
CA VAL K 43 6.35 -9.52 5.56
C VAL K 43 5.20 -9.25 6.50
N ASP K 44 5.21 -9.81 7.69
CA ASP K 44 3.96 -9.98 8.40
C ASP K 44 4.16 -10.73 9.73
N THR K 45 3.59 -10.22 10.83
CA THR K 45 3.64 -10.90 12.11
C THR K 45 2.23 -11.16 12.60
N ARG K 46 1.91 -12.43 12.82
CA ARG K 46 0.59 -12.85 13.24
C ARG K 46 0.73 -13.79 14.43
N GLY K 47 -0.38 -14.25 14.98
CA GLY K 47 -0.31 -15.22 16.06
C GLY K 47 -1.65 -15.84 16.44
N HIS K 48 -1.57 -16.99 17.12
CA HIS K 48 -2.75 -17.67 17.64
C HIS K 48 -2.85 -17.38 19.11
N ILE K 49 -4.09 -17.16 19.57
CA ILE K 49 -4.37 -16.87 20.99
C ILE K 49 -5.15 -18.05 21.60
N GLU K 50 -4.61 -18.58 22.71
CA GLU K 50 -5.18 -19.74 23.43
C GLU K 50 -5.30 -19.35 24.87
N GLY K 51 -6.45 -19.64 25.47
CA GLY K 51 -6.81 -19.01 26.72
C GLY K 51 -6.89 -17.55 26.32
N GLY K 52 -6.30 -16.67 27.11
CA GLY K 52 -6.24 -15.26 26.75
C GLY K 52 -4.80 -14.87 26.52
N ARG K 53 -4.03 -15.80 25.95
CA ARG K 53 -2.60 -15.60 25.78
C ARG K 53 -2.11 -16.10 24.43
N VAL K 54 -1.04 -15.50 23.95
CA VAL K 54 -0.45 -15.91 22.69
C VAL K 54 0.23 -17.26 22.91
N ASN K 55 -0.17 -18.28 22.13
CA ASN K 55 0.56 -19.54 22.18
C ASN K 55 1.46 -19.86 20.98
N HIS K 56 1.23 -19.16 19.87
CA HIS K 56 2.09 -19.27 18.67
C HIS K 56 2.34 -17.91 18.06
N TRP K 57 3.60 -17.54 17.89
CA TRP K 57 3.98 -16.38 17.11
C TRP K 57 4.26 -16.80 15.71
N GLN K 58 3.61 -16.17 14.73
CA GLN K 58 3.73 -16.64 13.34
C GLN K 58 4.28 -15.50 12.51
N VAL K 59 5.57 -15.57 12.20
CA VAL K 59 6.17 -14.55 11.41
C VAL K 59 6.35 -15.02 9.97
N THR K 60 5.72 -14.34 9.02
CA THR K 60 5.94 -14.72 7.66
C THR K 60 7.06 -13.88 7.02
N VAL K 61 7.85 -14.53 6.20
CA VAL K 61 9.13 -14.01 5.83
C VAL K 61 9.39 -14.34 4.35
N LYS K 62 10.11 -13.46 3.66
CA LYS K 62 10.56 -13.79 2.33
C LYS K 62 12.04 -14.03 2.37
N VAL K 63 12.44 -15.18 1.84
CA VAL K 63 13.85 -15.55 1.87
C VAL K 63 14.39 -15.60 0.49
N GLY K 64 15.51 -14.90 0.30
CA GLY K 64 16.15 -14.81 -1.01
C GLY K 64 17.37 -15.66 -1.06
N PHE K 65 17.44 -16.50 -2.09
CA PHE K 65 18.60 -17.39 -2.24
C PHE K 65 19.08 -17.53 -3.67
N THR K 66 20.39 -17.73 -3.85
CA THR K 66 20.98 -17.84 -5.19
C THR K 66 20.60 -19.16 -5.84
N LEU K 67 20.09 -19.05 -7.07
CA LEU K 67 19.96 -20.19 -7.94
C LEU K 67 21.29 -20.34 -8.67
N GLU K 68 21.89 -21.52 -8.61
CA GLU K 68 23.03 -21.84 -9.50
C GLU K 68 22.60 -22.92 -10.53
N GLY K 69 22.69 -24.14 -10.28
N ASP L 3 7.22 -25.14 17.08
CA ASP L 3 6.32 -26.06 16.31
C ASP L 3 6.53 -25.92 14.80
N HIS L 4 5.46 -25.96 14.01
CA HIS L 4 5.55 -26.07 12.56
C HIS L 4 6.13 -24.85 11.81
N VAL L 5 6.35 -25.04 10.51
CA VAL L 5 6.82 -24.04 9.53
C VAL L 5 5.97 -24.23 8.26
N TYR L 6 5.55 -23.13 7.64
CA TYR L 6 4.61 -23.17 6.52
C TYR L 6 5.22 -22.51 5.31
N LYS L 7 4.82 -22.96 4.13
CA LYS L 7 5.24 -22.35 2.89
C LYS L 7 4.01 -21.77 2.27
N ILE L 8 4.18 -20.60 1.63
CA ILE L 8 3.08 -19.93 0.99
C ILE L 8 3.44 -19.88 -0.46
N VAL L 9 2.59 -20.41 -1.31
CA VAL L 9 2.83 -20.31 -2.75
C VAL L 9 1.71 -19.53 -3.33
N GLU L 10 2.02 -18.88 -4.46
CA GLU L 10 1.08 -17.98 -5.13
C GLU L 10 0.57 -18.69 -6.40
N LEU L 11 -0.72 -18.89 -6.50
CA LEU L 11 -1.27 -19.53 -7.68
C LEU L 11 -2.38 -18.67 -8.15
N THR L 12 -2.65 -18.71 -9.45
CA THR L 12 -3.85 -18.06 -9.94
C THR L 12 -4.72 -19.07 -10.68
N GLY L 13 -5.94 -19.22 -10.19
CA GLY L 13 -6.89 -20.17 -10.72
C GLY L 13 -7.76 -19.49 -11.73
N SER L 14 -8.25 -20.27 -12.68
CA SER L 14 -9.04 -19.74 -13.80
C SER L 14 -10.39 -20.46 -13.85
N SER L 15 -11.43 -19.76 -14.30
CA SER L 15 -12.75 -20.33 -14.48
C SER L 15 -13.61 -19.42 -15.34
N PRO L 16 -14.35 -20.00 -16.30
CA PRO L 16 -15.34 -19.20 -17.06
C PRO L 16 -16.59 -18.88 -16.25
N ASN L 17 -16.70 -19.42 -15.04
CA ASN L 17 -17.91 -19.22 -14.21
C ASN L 17 -17.88 -18.15 -13.12
N GLY L 18 -16.73 -17.96 -12.49
CA GLY L 18 -16.66 -16.96 -11.42
C GLY L 18 -15.56 -17.14 -10.37
N ILE L 19 -15.65 -16.30 -9.35
CA ILE L 19 -14.56 -16.14 -8.40
C ILE L 19 -14.35 -17.39 -7.55
N GLU L 20 -15.43 -17.89 -6.95
CA GLU L 20 -15.30 -19.08 -6.07
C GLU L 20 -14.80 -20.31 -6.84
N GLU L 21 -15.27 -20.45 -8.07
CA GLU L 21 -14.86 -21.56 -8.90
C GLU L 21 -13.37 -21.45 -9.22
N ALA L 22 -12.95 -20.24 -9.62
CA ALA L 22 -11.56 -19.99 -9.91
C ALA L 22 -10.69 -20.35 -8.73
N VAL L 23 -11.04 -19.96 -7.52
CA VAL L 23 -10.14 -20.29 -6.42
C VAL L 23 -10.14 -21.78 -6.11
N ASN L 24 -11.32 -22.39 -6.17
CA ASN L 24 -11.43 -23.84 -5.97
C ASN L 24 -10.53 -24.61 -6.92
N ASN L 25 -10.56 -24.25 -8.22
CA ASN L 25 -9.62 -24.84 -9.18
C ASN L 25 -8.16 -24.73 -8.72
N ALA L 26 -7.78 -23.54 -8.25
CA ALA L 26 -6.40 -23.32 -7.87
C ALA L 26 -6.08 -24.20 -6.68
N ILE L 27 -7.02 -24.31 -5.76
CA ILE L 27 -6.83 -25.13 -4.57
C ILE L 27 -6.82 -26.64 -4.87
N ALA L 28 -7.75 -27.08 -5.72
CA ALA L 28 -7.73 -28.46 -6.25
C ALA L 28 -6.33 -28.78 -6.81
N ARG L 29 -5.85 -28.02 -7.80
CA ARG L 29 -4.52 -28.28 -8.39
C ARG L 29 -3.33 -28.24 -7.41
N ALA L 30 -3.49 -27.50 -6.32
CA ALA L 30 -2.45 -27.44 -5.31
C ALA L 30 -2.52 -28.71 -4.45
N GLY L 31 -3.75 -29.16 -4.19
CA GLY L 31 -4.02 -30.37 -3.39
C GLY L 31 -3.48 -31.67 -4.04
N GLU L 32 -3.50 -31.75 -5.38
CA GLU L 32 -2.88 -32.87 -6.12
C GLU L 32 -1.38 -33.02 -5.84
N THR L 33 -0.67 -31.89 -5.81
CA THR L 33 0.79 -31.92 -5.70
C THR L 33 1.34 -31.62 -4.30
N LEU L 34 0.65 -30.77 -3.53
CA LEU L 34 1.14 -30.41 -2.19
C LEU L 34 0.28 -31.11 -1.14
N ARG L 35 0.70 -30.99 0.11
CA ARG L 35 0.05 -31.72 1.19
C ARG L 35 -0.05 -30.82 2.44
N HIS L 36 -1.14 -30.99 3.18
CA HIS L 36 -1.39 -30.21 4.40
C HIS L 36 -1.72 -28.74 4.13
N LEU L 37 -2.56 -28.50 3.12
CA LEU L 37 -3.11 -27.19 2.84
C LEU L 37 -3.93 -26.69 4.04
N ARG L 38 -3.53 -25.57 4.63
CA ARG L 38 -4.21 -25.05 5.81
C ARG L 38 -5.07 -23.82 5.54
N TRP L 39 -4.55 -22.79 4.87
CA TRP L 39 -5.35 -21.55 4.64
C TRP L 39 -4.97 -20.89 3.35
N PHE L 40 -5.83 -20.01 2.88
CA PHE L 40 -5.49 -19.21 1.72
C PHE L 40 -5.88 -17.76 1.93
N GLU L 41 -5.36 -16.92 1.04
CA GLU L 41 -5.75 -15.52 0.96
C GLU L 41 -5.86 -15.08 -0.49
N VAL L 42 -6.98 -14.44 -0.86
CA VAL L 42 -7.08 -13.84 -2.20
C VAL L 42 -6.17 -12.60 -2.31
N VAL L 43 -5.28 -12.58 -3.29
CA VAL L 43 -4.48 -11.40 -3.49
C VAL L 43 -5.07 -10.44 -4.53
N ASP L 44 -5.97 -10.90 -5.41
CA ASP L 44 -6.16 -10.18 -6.64
C ASP L 44 -7.21 -10.90 -7.52
N THR L 45 -8.09 -10.13 -8.17
CA THR L 45 -9.06 -10.69 -9.08
C THR L 45 -8.91 -9.96 -10.37
N ARG L 46 -8.71 -10.72 -11.45
CA ARG L 46 -8.55 -10.17 -12.79
C ARG L 46 -9.42 -11.00 -13.74
N GLY L 47 -9.43 -10.64 -15.01
CA GLY L 47 -10.12 -11.45 -15.99
C GLY L 47 -9.89 -11.03 -17.43
N HIS L 48 -10.21 -11.95 -18.34
CA HIS L 48 -10.05 -11.73 -19.79
C HIS L 48 -11.41 -11.39 -20.31
N ILE L 49 -11.46 -10.48 -21.25
CA ILE L 49 -12.70 -10.10 -21.90
C ILE L 49 -12.64 -10.55 -23.39
N GLU L 50 -13.69 -11.25 -23.81
CA GLU L 50 -13.83 -11.80 -25.18
C GLU L 50 -15.20 -11.45 -25.69
N GLY L 51 -15.26 -10.92 -26.91
CA GLY L 51 -16.43 -10.17 -27.33
C GLY L 51 -16.48 -9.00 -26.37
N GLY L 52 -17.63 -8.75 -25.78
CA GLY L 52 -17.74 -7.69 -24.80
C GLY L 52 -18.10 -8.33 -23.47
N ARG L 53 -17.58 -9.53 -23.26
CA ARG L 53 -17.93 -10.31 -22.07
C ARG L 53 -16.73 -11.02 -21.40
N VAL L 54 -16.86 -11.29 -20.12
CA VAL L 54 -15.79 -11.93 -19.40
C VAL L 54 -15.83 -13.40 -19.78
N ASN L 55 -14.71 -13.92 -20.31
CA ASN L 55 -14.66 -15.35 -20.57
C ASN L 55 -13.77 -16.14 -19.61
N HIS L 56 -12.90 -15.43 -18.89
CA HIS L 56 -12.12 -16.10 -17.85
C HIS L 56 -12.05 -15.21 -16.62
N TRP L 57 -12.32 -15.80 -15.46
CA TRP L 57 -12.11 -15.13 -14.16
C TRP L 57 -10.80 -15.66 -13.62
N GLN L 58 -9.89 -14.76 -13.26
CA GLN L 58 -8.56 -15.15 -12.84
C GLN L 58 -8.32 -14.58 -11.45
N VAL L 59 -8.37 -15.47 -10.45
CA VAL L 59 -8.21 -15.06 -9.11
C VAL L 59 -6.87 -15.55 -8.69
N THR L 60 -6.00 -14.64 -8.26
CA THR L 60 -4.75 -15.09 -7.73
C THR L 60 -4.79 -15.15 -6.21
N VAL L 61 -4.08 -16.13 -5.66
CA VAL L 61 -4.39 -16.59 -4.33
C VAL L 61 -3.09 -17.04 -3.72
N LYS L 62 -2.97 -16.88 -2.42
CA LYS L 62 -1.81 -17.36 -1.71
C LYS L 62 -2.27 -18.49 -0.81
N VAL L 63 -1.58 -19.61 -0.92
CA VAL L 63 -2.00 -20.80 -0.21
C VAL L 63 -0.91 -21.13 0.77
N GLY L 64 -1.31 -21.36 2.00
CA GLY L 64 -0.35 -21.70 3.08
C GLY L 64 -0.49 -23.17 3.41
N PHE L 65 0.64 -23.85 3.50
CA PHE L 65 0.62 -25.28 3.82
C PHE L 65 1.81 -25.71 4.68
N THR L 66 1.56 -26.70 5.53
CA THR L 66 2.60 -27.17 6.47
C THR L 66 3.68 -27.91 5.72
N LEU L 67 4.92 -27.53 6.03
CA LEU L 67 6.10 -28.28 5.63
C LEU L 67 6.36 -29.25 6.77
N GLU L 68 6.50 -30.54 6.43
CA GLU L 68 6.97 -31.53 7.41
C GLU L 68 8.33 -32.10 6.98
N GLY L 69 8.41 -33.04 6.19
#